data_1H24
#
_entry.id   1H24
#
_cell.length_a   73.551
_cell.length_b   133.549
_cell.length_c   147.890
_cell.angle_alpha   90.00
_cell.angle_beta   90.00
_cell.angle_gamma   90.00
#
_symmetry.space_group_name_H-M   'P 21 21 21'
#
loop_
_entity.id
_entity.type
_entity.pdbx_description
1 polymer 'CELL DIVISION PROTEIN KINASE 2'
2 polymer 'CYCLIN A2'
3 polymer 'TRANSCRIPTION FACTOR E2F1'
4 water water
#
loop_
_entity_poly.entity_id
_entity_poly.type
_entity_poly.pdbx_seq_one_letter_code
_entity_poly.pdbx_strand_id
1 'polypeptide(L)'
;GPLGSMENFQKVEKIGEGTYGVVYKARNKLTGEVVALKKIRLDTETEGVPSTAIREISLLKELNHPNIVKLLDVIHTENK
LYLVFEFLHQDLKKFMDASALTGIPLPLIKSYLFQLLQGLAFCHSHRVLHRDLKPQNLLINTEGAIKLADFGLARAFGVP
VRTY(TPO)HEVVTLWYRAPEILLGCKYYSTAVDIWSLGCIFAEMVTRRALFPGDSEIDQLFRIFRTLGTPDEVVWPGVT
SMPDYKPSFPKWARQDFSKVVPPLDEDGRSLLSQMLHYDPNKRISAKAALAHPFFQDVTKPVPHLRL
;
A,C
2 'polypeptide(L)'
;EVPDYHEDIHTYLREMEVKCKPKVGYMKKQPDITNSMRAILVDWLVEVGEEYKLQNETLHLAVNYIDRFLSSMSVLRGKL
QLVGTAAMLLASKFEEIYPPEVAEFVYITDDTYTKKQVLRMEHLVLKVLTFDLAAPTVNQFLTQYFLHQQPANCKVESLA
MFLGELSLIDADPYLKYLPSVIAGAAFHLALYTVTGQSWPESLIRKTGYTLESLKPCLMDLHQTYLKAPQHAQQSIREKY
KNSKYHGVSLLNPPETLNL
;
B,D
3 'polypeptide(L)' PVKRRLDLE E
#
# COMPACT_ATOMS: atom_id res chain seq x y z
N SER A 5 -12.75 -12.21 -9.96
CA SER A 5 -11.58 -13.02 -9.52
C SER A 5 -10.97 -13.62 -10.75
N MET A 6 -11.28 -14.91 -10.89
CA MET A 6 -10.96 -15.72 -12.03
C MET A 6 -11.82 -15.33 -13.22
N GLU A 7 -12.54 -14.22 -13.11
CA GLU A 7 -13.30 -13.75 -14.24
C GLU A 7 -12.42 -13.56 -15.45
N ASN A 8 -11.30 -12.87 -15.25
CA ASN A 8 -10.44 -12.51 -16.35
C ASN A 8 -9.53 -13.61 -16.90
N PHE A 9 -9.53 -14.75 -16.25
CA PHE A 9 -8.60 -15.80 -16.64
C PHE A 9 -9.24 -16.94 -17.40
N GLN A 10 -8.78 -17.18 -18.61
CA GLN A 10 -9.28 -18.31 -19.40
C GLN A 10 -8.21 -19.40 -19.26
N LYS A 11 -8.57 -20.61 -18.86
CA LYS A 11 -7.55 -21.65 -18.68
C LYS A 11 -7.19 -22.32 -19.99
N VAL A 12 -5.91 -22.49 -20.25
CA VAL A 12 -5.54 -23.12 -21.51
C VAL A 12 -5.36 -24.62 -21.43
N GLU A 13 -4.40 -25.08 -20.65
CA GLU A 13 -4.14 -26.50 -20.49
C GLU A 13 -3.55 -26.83 -19.11
N LYS A 14 -3.51 -28.10 -18.75
CA LYS A 14 -2.94 -28.49 -17.48
C LYS A 14 -1.44 -28.52 -17.65
N ILE A 15 -0.73 -28.08 -16.64
CA ILE A 15 0.67 -27.83 -16.81
C ILE A 15 1.57 -28.45 -15.75
N GLY A 16 0.98 -28.93 -14.68
CA GLY A 16 1.73 -29.52 -13.59
C GLY A 16 0.79 -29.71 -12.41
N GLU A 17 1.02 -30.76 -11.63
CA GLU A 17 0.19 -31.02 -10.48
C GLU A 17 1.07 -30.89 -9.27
N GLY A 18 0.56 -30.31 -8.21
CA GLY A 18 1.38 -30.10 -7.04
C GLY A 18 0.88 -30.72 -5.75
N THR A 19 1.69 -30.55 -4.72
CA THR A 19 1.42 -31.01 -3.37
C THR A 19 -0.05 -30.89 -2.93
N TYR A 20 -0.63 -29.68 -3.01
CA TYR A 20 -2.05 -29.47 -2.67
C TYR A 20 -2.79 -28.91 -3.87
N GLY A 21 -2.30 -29.13 -5.08
CA GLY A 21 -2.97 -28.57 -6.24
C GLY A 21 -2.51 -28.85 -7.68
N VAL A 22 -3.22 -28.18 -8.57
CA VAL A 22 -3.07 -28.31 -9.99
C VAL A 22 -2.52 -27.00 -10.43
N VAL A 23 -1.74 -27.01 -11.49
CA VAL A 23 -1.31 -25.74 -12.03
C VAL A 23 -1.78 -25.68 -13.46
N TYR A 24 -2.41 -24.59 -13.87
CA TYR A 24 -2.78 -24.49 -15.25
C TYR A 24 -2.04 -23.33 -15.86
N LYS A 25 -1.95 -23.33 -17.19
CA LYS A 25 -1.48 -22.17 -17.98
C LYS A 25 -2.73 -21.45 -18.39
N ALA A 26 -2.84 -20.16 -18.15
CA ALA A 26 -4.06 -19.43 -18.48
C ALA A 26 -3.76 -18.12 -19.11
N ARG A 27 -4.78 -17.51 -19.68
CA ARG A 27 -4.63 -16.24 -20.38
C ARG A 27 -5.48 -15.22 -19.74
N ASN A 28 -4.87 -14.11 -19.33
CA ASN A 28 -5.63 -12.98 -18.82
C ASN A 28 -6.28 -12.43 -20.07
N LYS A 29 -7.59 -12.25 -20.05
CA LYS A 29 -8.29 -11.79 -21.24
C LYS A 29 -8.33 -10.28 -21.41
N LEU A 30 -7.93 -9.49 -20.44
CA LEU A 30 -7.82 -8.09 -20.82
C LEU A 30 -6.44 -7.50 -21.05
N THR A 31 -5.42 -8.09 -20.46
CA THR A 31 -4.08 -7.56 -20.69
C THR A 31 -3.52 -8.41 -21.75
N GLY A 32 -3.98 -9.66 -21.74
CA GLY A 32 -3.54 -10.71 -22.63
C GLY A 32 -2.40 -11.54 -22.02
N GLU A 33 -1.96 -11.17 -20.83
CA GLU A 33 -0.81 -11.84 -20.26
C GLU A 33 -1.08 -13.31 -20.12
N VAL A 34 -0.05 -14.12 -20.36
CA VAL A 34 -0.13 -15.56 -20.18
C VAL A 34 0.49 -15.78 -18.83
N VAL A 35 -0.08 -16.66 -18.01
CA VAL A 35 0.35 -16.86 -16.64
C VAL A 35 0.24 -18.31 -16.20
N ALA A 36 0.73 -18.61 -15.01
CA ALA A 36 0.60 -19.95 -14.44
C ALA A 36 -0.29 -19.81 -13.25
N LEU A 37 -1.33 -20.61 -13.18
CA LEU A 37 -2.27 -20.53 -12.05
C LEU A 37 -2.11 -21.79 -11.22
N LYS A 38 -1.67 -21.61 -10.00
CA LYS A 38 -1.54 -22.68 -9.07
C LYS A 38 -2.76 -22.64 -8.17
N LYS A 39 -3.65 -23.61 -8.35
CA LYS A 39 -4.85 -23.69 -7.55
C LYS A 39 -4.43 -24.38 -6.26
N ILE A 40 -4.81 -23.80 -5.11
CA ILE A 40 -4.51 -24.39 -3.82
C ILE A 40 -5.83 -24.65 -3.11
N ARG A 41 -6.13 -25.91 -2.81
CA ARG A 41 -7.43 -26.23 -2.21
C ARG A 41 -7.42 -26.10 -0.70
N LEU A 42 -8.53 -25.57 -0.20
CA LEU A 42 -8.77 -25.36 1.22
C LEU A 42 -10.07 -26.09 1.59
N ASP A 43 -10.72 -25.66 2.68
CA ASP A 43 -12.02 -26.24 3.01
C ASP A 43 -12.59 -25.98 4.40
N THR A 44 -11.79 -25.48 5.34
CA THR A 44 -12.26 -25.29 6.71
C THR A 44 -12.33 -26.65 7.43
N GLU A 45 -12.70 -26.63 8.71
CA GLU A 45 -12.66 -27.85 9.54
C GLU A 45 -11.46 -28.70 9.14
N THR A 46 -10.41 -28.03 8.66
CA THR A 46 -9.19 -28.72 8.22
C THR A 46 -8.02 -28.31 9.10
N GLU A 47 -7.00 -27.81 8.43
CA GLU A 47 -5.81 -27.29 9.06
C GLU A 47 -5.61 -25.92 8.47
N GLY A 48 -6.51 -25.52 7.59
CA GLY A 48 -6.49 -24.18 7.05
C GLY A 48 -5.51 -24.00 5.94
N VAL A 49 -5.01 -22.79 5.75
CA VAL A 49 -4.00 -22.54 4.73
C VAL A 49 -2.70 -23.24 5.07
N PRO A 50 -2.27 -24.12 4.20
CA PRO A 50 -1.07 -24.94 4.42
C PRO A 50 0.17 -24.08 4.65
N SER A 51 0.97 -24.54 5.59
CA SER A 51 2.16 -23.80 5.96
C SER A 51 3.02 -23.55 4.72
N THR A 52 3.07 -24.50 3.80
CA THR A 52 3.88 -24.27 2.61
C THR A 52 3.35 -23.13 1.81
N ALA A 53 2.05 -23.07 1.62
CA ALA A 53 1.52 -21.94 0.87
C ALA A 53 1.76 -20.63 1.65
N ILE A 54 1.70 -20.65 2.98
CA ILE A 54 1.88 -19.41 3.70
C ILE A 54 3.28 -18.91 3.49
N ARG A 55 4.24 -19.84 3.45
CA ARG A 55 5.62 -19.40 3.25
C ARG A 55 5.87 -18.93 1.84
N GLU A 56 5.41 -19.70 0.90
CA GLU A 56 5.63 -19.38 -0.49
C GLU A 56 5.08 -18.00 -0.83
N ILE A 57 3.86 -17.72 -0.41
CA ILE A 57 3.32 -16.45 -0.82
C ILE A 57 4.04 -15.30 -0.17
N SER A 58 4.35 -15.45 1.09
CA SER A 58 4.98 -14.32 1.76
C SER A 58 6.42 -14.16 1.35
N LEU A 59 7.12 -15.23 1.05
CA LEU A 59 8.49 -14.99 0.71
C LEU A 59 8.54 -14.43 -0.67
N LEU A 60 7.78 -15.04 -1.56
CA LEU A 60 7.76 -14.58 -2.92
C LEU A 60 7.39 -13.11 -3.04
N LYS A 61 6.49 -12.60 -2.20
CA LYS A 61 6.14 -11.17 -2.26
C LYS A 61 7.33 -10.22 -1.93
N GLU A 62 8.32 -10.72 -1.23
CA GLU A 62 9.51 -9.93 -0.97
C GLU A 62 10.55 -10.00 -2.07
N LEU A 63 10.53 -11.06 -2.86
CA LEU A 63 11.56 -11.32 -3.82
C LEU A 63 11.30 -10.81 -5.21
N ASN A 64 11.48 -9.56 -5.46
CA ASN A 64 11.33 -9.31 -6.85
C ASN A 64 12.64 -9.05 -7.59
N HIS A 65 12.91 -9.98 -8.51
CA HIS A 65 14.16 -10.10 -9.23
C HIS A 65 13.90 -10.84 -10.52
N PRO A 66 14.59 -10.48 -11.58
CA PRO A 66 14.41 -11.10 -12.90
C PRO A 66 14.73 -12.59 -12.90
N ASN A 67 15.39 -13.10 -11.91
CA ASN A 67 15.68 -14.52 -11.99
C ASN A 67 14.99 -15.26 -10.89
N ILE A 68 13.94 -14.66 -10.40
CA ILE A 68 13.08 -15.29 -9.46
C ILE A 68 11.69 -15.21 -10.07
N VAL A 69 11.09 -16.36 -10.21
CA VAL A 69 9.74 -16.42 -10.78
C VAL A 69 8.83 -15.43 -10.07
N LYS A 70 7.99 -14.75 -10.81
CA LYS A 70 7.17 -13.71 -10.18
C LYS A 70 5.71 -14.07 -9.79
N LEU A 71 5.35 -13.84 -8.53
CA LEU A 71 3.99 -13.98 -8.07
C LEU A 71 3.28 -12.69 -8.47
N LEU A 72 2.37 -12.77 -9.42
CA LEU A 72 1.69 -11.58 -9.89
C LEU A 72 0.56 -11.18 -8.98
N ASP A 73 -0.19 -12.17 -8.50
CA ASP A 73 -1.36 -11.91 -7.70
C ASP A 73 -1.77 -13.10 -6.97
N VAL A 74 -2.61 -12.88 -5.97
CA VAL A 74 -3.15 -13.97 -5.21
C VAL A 74 -4.63 -13.73 -5.18
N ILE A 75 -5.38 -14.75 -5.57
CA ILE A 75 -6.83 -14.62 -5.58
C ILE A 75 -7.46 -15.57 -4.58
N HIS A 76 -8.24 -14.97 -3.72
CA HIS A 76 -8.87 -15.62 -2.59
C HIS A 76 -10.35 -15.78 -2.86
N THR A 77 -10.89 -16.94 -2.48
CA THR A 77 -12.34 -17.18 -2.46
C THR A 77 -12.66 -17.85 -1.12
N GLU A 78 -13.95 -17.98 -0.78
CA GLU A 78 -14.34 -18.64 0.48
C GLU A 78 -13.82 -20.09 0.53
N ASN A 79 -13.27 -20.56 -0.59
CA ASN A 79 -12.91 -21.97 -0.73
C ASN A 79 -11.58 -22.29 -1.38
N LYS A 80 -11.17 -21.48 -2.33
CA LYS A 80 -9.96 -21.78 -3.09
C LYS A 80 -8.93 -20.64 -3.06
N LEU A 81 -7.66 -21.00 -3.16
CA LEU A 81 -6.63 -20.03 -3.25
C LEU A 81 -6.05 -20.19 -4.65
N TYR A 82 -5.99 -19.10 -5.40
CA TYR A 82 -5.40 -19.09 -6.75
C TYR A 82 -4.14 -18.19 -6.82
N LEU A 83 -2.99 -18.82 -7.06
CA LEU A 83 -1.74 -18.07 -7.15
C LEU A 83 -1.41 -17.82 -8.58
N VAL A 84 -1.32 -16.57 -9.01
CA VAL A 84 -0.99 -16.28 -10.41
C VAL A 84 0.50 -15.93 -10.58
N PHE A 85 1.26 -16.74 -11.30
CA PHE A 85 2.68 -16.47 -11.50
C PHE A 85 2.94 -16.14 -12.96
N GLU A 86 4.03 -15.48 -13.26
CA GLU A 86 4.40 -15.31 -14.66
C GLU A 86 4.62 -16.71 -15.27
N PHE A 87 4.37 -16.89 -16.56
CA PHE A 87 4.46 -18.22 -17.20
C PHE A 87 5.81 -18.44 -17.83
N LEU A 88 6.34 -19.63 -17.70
CA LEU A 88 7.64 -19.89 -18.26
C LEU A 88 7.46 -21.19 -18.97
N HIS A 89 7.88 -21.25 -20.24
CA HIS A 89 7.56 -22.43 -21.03
C HIS A 89 8.16 -23.77 -20.56
N GLN A 90 9.38 -23.80 -20.06
CA GLN A 90 9.94 -25.08 -19.62
C GLN A 90 10.68 -25.06 -18.29
N ASP A 91 11.08 -26.23 -17.81
CA ASP A 91 11.90 -26.31 -16.64
C ASP A 91 13.23 -26.93 -17.14
N LEU A 92 14.30 -26.82 -16.35
CA LEU A 92 15.61 -27.22 -16.79
C LEU A 92 15.78 -28.74 -17.00
N LYS A 93 15.26 -29.54 -16.09
CA LYS A 93 15.31 -30.96 -16.32
C LYS A 93 14.79 -31.35 -17.71
N LYS A 94 13.62 -30.87 -18.06
CA LYS A 94 13.04 -31.18 -19.36
C LYS A 94 13.82 -30.57 -20.49
N PHE A 95 14.66 -29.60 -20.20
CA PHE A 95 15.44 -29.10 -21.28
C PHE A 95 16.74 -29.91 -21.42
N MET A 96 17.19 -30.51 -20.34
CA MET A 96 18.34 -31.40 -20.39
C MET A 96 17.96 -32.75 -21.03
N ASP A 97 16.72 -33.19 -20.89
CA ASP A 97 16.32 -34.45 -21.50
C ASP A 97 16.08 -34.29 -22.98
N ALA A 98 16.28 -33.07 -23.50
CA ALA A 98 16.09 -32.80 -24.92
C ALA A 98 17.38 -32.27 -25.57
N SER A 99 18.41 -32.09 -24.74
CA SER A 99 19.74 -31.72 -25.22
C SER A 99 20.55 -33.00 -25.14
N ALA A 100 19.82 -34.09 -24.96
CA ALA A 100 20.35 -35.44 -24.80
C ALA A 100 21.51 -35.70 -25.74
N LEU A 101 21.35 -35.34 -26.99
CA LEU A 101 22.44 -35.51 -27.90
C LEU A 101 23.26 -34.26 -27.71
N THR A 102 23.02 -33.29 -28.57
CA THR A 102 23.74 -32.04 -28.50
C THR A 102 24.50 -31.97 -27.20
N GLY A 103 23.73 -31.90 -26.11
CA GLY A 103 24.30 -31.59 -24.84
C GLY A 103 24.12 -30.10 -24.85
N ILE A 104 24.36 -29.43 -23.75
CA ILE A 104 24.14 -28.01 -23.66
C ILE A 104 25.41 -27.27 -23.99
N PRO A 105 25.33 -26.31 -24.89
CA PRO A 105 26.48 -25.51 -25.25
C PRO A 105 26.95 -24.71 -24.05
N LEU A 106 28.27 -24.69 -23.89
CA LEU A 106 28.91 -24.12 -22.74
C LEU A 106 28.37 -22.74 -22.49
N PRO A 107 28.23 -21.96 -23.55
CA PRO A 107 27.81 -20.57 -23.41
C PRO A 107 26.47 -20.43 -22.72
N LEU A 108 25.62 -21.42 -22.88
CA LEU A 108 24.31 -21.43 -22.29
C LEU A 108 24.39 -21.88 -20.84
N ILE A 109 25.29 -22.81 -20.56
CA ILE A 109 25.51 -23.27 -19.20
C ILE A 109 25.95 -22.10 -18.31
N LYS A 110 26.78 -21.25 -18.91
CA LYS A 110 27.42 -20.11 -18.28
C LYS A 110 26.39 -19.00 -17.97
N SER A 111 25.60 -18.71 -18.98
CA SER A 111 24.50 -17.79 -18.81
C SER A 111 23.57 -18.26 -17.71
N TYR A 112 23.16 -19.50 -17.81
CA TYR A 112 22.23 -20.04 -16.86
C TYR A 112 22.77 -19.99 -15.44
N LEU A 113 23.97 -20.50 -15.23
CA LEU A 113 24.53 -20.55 -13.87
C LEU A 113 24.69 -19.14 -13.30
N PHE A 114 25.12 -18.25 -14.16
CA PHE A 114 25.32 -16.88 -13.79
C PHE A 114 23.96 -16.30 -13.41
N GLN A 115 22.91 -16.62 -14.16
CA GLN A 115 21.57 -16.10 -13.84
C GLN A 115 21.08 -16.63 -12.54
N LEU A 116 21.24 -17.93 -12.41
CA LEU A 116 20.83 -18.60 -11.15
C LEU A 116 21.52 -17.99 -9.90
N LEU A 117 22.83 -17.71 -10.01
CA LEU A 117 23.53 -17.10 -8.86
C LEU A 117 23.02 -15.67 -8.61
N GLN A 118 22.66 -14.95 -9.66
CA GLN A 118 22.01 -13.69 -9.40
C GLN A 118 20.76 -13.81 -8.51
N GLY A 119 19.92 -14.77 -8.86
CA GLY A 119 18.66 -15.00 -8.20
C GLY A 119 18.89 -15.48 -6.79
N LEU A 120 19.81 -16.40 -6.64
CA LEU A 120 20.14 -16.95 -5.34
C LEU A 120 20.78 -15.90 -4.45
N ALA A 121 21.67 -15.06 -5.02
CA ALA A 121 22.29 -13.97 -4.23
C ALA A 121 21.22 -13.01 -3.75
N PHE A 122 20.24 -12.73 -4.60
CA PHE A 122 19.12 -11.91 -4.17
C PHE A 122 18.38 -12.58 -3.01
N CYS A 123 18.11 -13.90 -3.09
CA CYS A 123 17.39 -14.55 -1.98
C CYS A 123 18.12 -14.46 -0.67
N HIS A 124 19.41 -14.82 -0.73
CA HIS A 124 20.26 -14.74 0.46
C HIS A 124 20.38 -13.33 1.02
N SER A 125 20.41 -12.32 0.18
CA SER A 125 20.38 -10.93 0.65
C SER A 125 19.06 -10.57 1.28
N HIS A 126 18.01 -11.30 1.01
CA HIS A 126 16.75 -10.97 1.61
C HIS A 126 16.37 -12.02 2.67
N ARG A 127 17.39 -12.63 3.24
CA ARG A 127 17.25 -13.60 4.31
C ARG A 127 16.24 -14.72 3.98
N VAL A 128 16.36 -15.22 2.75
CA VAL A 128 15.51 -16.31 2.33
C VAL A 128 16.35 -17.48 1.83
N LEU A 129 16.11 -18.67 2.39
CA LEU A 129 16.78 -19.88 1.93
C LEU A 129 15.82 -20.59 1.02
N HIS A 130 16.30 -21.06 -0.12
CA HIS A 130 15.39 -21.80 -0.96
C HIS A 130 15.14 -23.26 -0.57
N ARG A 131 16.20 -24.02 -0.25
CA ARG A 131 16.07 -25.35 0.24
C ARG A 131 15.52 -26.42 -0.74
N ASP A 132 15.48 -26.17 -2.02
CA ASP A 132 15.12 -27.21 -2.92
C ASP A 132 15.54 -26.88 -4.33
N LEU A 133 16.71 -26.29 -4.49
CA LEU A 133 17.11 -26.04 -5.85
C LEU A 133 17.38 -27.34 -6.58
N LYS A 134 16.67 -27.57 -7.65
CA LYS A 134 16.93 -28.74 -8.47
C LYS A 134 16.30 -28.37 -9.73
N PRO A 135 16.78 -29.03 -10.76
CA PRO A 135 16.45 -28.66 -12.15
C PRO A 135 14.96 -28.61 -12.42
N GLN A 136 14.18 -29.34 -11.64
CA GLN A 136 12.76 -29.32 -11.86
C GLN A 136 12.21 -27.96 -11.40
N ASN A 137 12.95 -27.26 -10.55
CA ASN A 137 12.47 -25.98 -10.07
C ASN A 137 13.18 -24.85 -10.72
N LEU A 138 13.78 -25.09 -11.86
CA LEU A 138 14.46 -24.02 -12.50
C LEU A 138 13.76 -23.81 -13.84
N LEU A 139 13.09 -22.69 -13.98
CA LEU A 139 12.29 -22.48 -15.18
C LEU A 139 13.02 -21.64 -16.17
N ILE A 140 12.80 -21.89 -17.44
CA ILE A 140 13.46 -21.15 -18.49
C ILE A 140 12.42 -20.67 -19.49
N ASN A 141 12.61 -19.50 -20.03
CA ASN A 141 11.70 -19.02 -21.02
C ASN A 141 12.32 -19.03 -22.39
N THR A 142 11.64 -18.51 -23.40
CA THR A 142 12.22 -18.53 -24.74
C THR A 142 13.25 -17.39 -25.01
N GLU A 143 13.45 -16.49 -24.07
CA GLU A 143 14.38 -15.37 -24.28
C GLU A 143 15.79 -15.63 -23.73
N GLY A 144 16.00 -16.72 -23.00
CA GLY A 144 17.30 -17.05 -22.47
C GLY A 144 17.40 -16.94 -20.95
N ALA A 145 16.27 -16.64 -20.33
CA ALA A 145 16.28 -16.49 -18.91
C ALA A 145 16.02 -17.81 -18.18
N ILE A 146 16.59 -17.94 -17.00
CA ILE A 146 16.28 -19.06 -16.17
C ILE A 146 15.89 -18.48 -14.82
N LYS A 147 14.93 -19.09 -14.11
CA LYS A 147 14.46 -18.50 -12.84
C LYS A 147 14.24 -19.48 -11.69
N LEU A 148 14.58 -19.09 -10.45
CA LEU A 148 14.34 -19.97 -9.35
C LEU A 148 12.85 -20.04 -9.21
N ALA A 149 12.32 -21.21 -8.83
CA ALA A 149 10.90 -21.27 -8.69
C ALA A 149 10.63 -22.27 -7.61
N ASP A 150 9.34 -22.41 -7.29
CA ASP A 150 8.87 -23.30 -6.26
C ASP A 150 9.48 -23.03 -4.88
N PHE A 151 8.91 -22.07 -4.15
CA PHE A 151 9.40 -21.66 -2.83
C PHE A 151 8.64 -22.28 -1.70
N GLY A 152 8.00 -23.41 -2.01
CA GLY A 152 7.19 -24.14 -1.06
C GLY A 152 8.02 -24.52 0.12
N LEU A 153 9.26 -24.95 -0.15
CA LEU A 153 10.12 -25.35 0.96
C LEU A 153 11.06 -24.24 1.49
N ALA A 154 10.82 -23.00 1.10
CA ALA A 154 11.68 -21.90 1.43
C ALA A 154 11.49 -21.43 2.85
N ARG A 155 12.44 -20.72 3.39
CA ARG A 155 12.17 -20.17 4.74
C ARG A 155 12.90 -18.91 5.08
N ALA A 156 12.27 -18.04 5.86
CA ALA A 156 12.98 -16.83 6.28
C ALA A 156 13.98 -17.14 7.37
N PHE A 157 15.26 -16.93 7.11
CA PHE A 157 16.24 -17.26 8.17
C PHE A 157 16.74 -16.08 8.95
N GLY A 158 17.23 -16.30 10.18
CA GLY A 158 17.78 -15.28 11.03
C GLY A 158 19.31 -15.28 11.03
N VAL A 159 19.88 -14.24 11.58
CA VAL A 159 21.29 -14.07 11.56
C VAL A 159 21.73 -13.93 13.00
N PRO A 160 22.44 -14.91 13.56
CA PRO A 160 22.70 -16.22 12.93
C PRO A 160 21.43 -17.09 12.87
N VAL A 161 21.47 -18.11 12.04
CA VAL A 161 20.35 -19.03 11.97
C VAL A 161 20.24 -19.88 13.25
N ARG A 162 19.05 -20.44 13.45
CA ARG A 162 18.91 -21.46 14.47
C ARG A 162 18.59 -22.79 13.80
N THR A 163 18.28 -23.80 14.60
CA THR A 163 18.00 -25.13 14.06
C THR A 163 16.76 -25.05 13.21
N TYR A 164 16.90 -25.36 11.94
CA TYR A 164 15.74 -25.37 11.06
C TYR A 164 15.52 -26.84 10.61
N HIS A 166 15.18 -30.55 9.18
CA HIS A 166 16.21 -31.51 8.71
C HIS A 166 15.71 -32.22 7.44
N GLU A 167 14.42 -32.50 7.41
CA GLU A 167 13.81 -33.15 6.27
C GLU A 167 14.02 -32.25 5.11
N VAL A 168 15.27 -31.97 4.71
CA VAL A 168 15.44 -30.88 3.75
C VAL A 168 16.28 -31.00 2.47
N VAL A 169 15.69 -30.56 1.36
CA VAL A 169 16.35 -30.57 0.06
C VAL A 169 16.27 -31.95 -0.58
N THR A 170 15.85 -32.02 -1.83
CA THR A 170 15.72 -33.28 -2.51
C THR A 170 17.10 -33.92 -2.43
N LEU A 171 17.12 -35.14 -1.89
CA LEU A 171 18.31 -35.89 -1.60
C LEU A 171 19.47 -35.72 -2.54
N TRP A 172 19.26 -35.87 -3.84
CA TRP A 172 20.39 -35.80 -4.74
C TRP A 172 21.13 -34.47 -4.67
N TYR A 173 20.45 -33.43 -4.19
CA TYR A 173 21.04 -32.11 -4.25
C TYR A 173 21.37 -31.63 -2.85
N ARG A 174 21.16 -32.51 -1.90
CA ARG A 174 21.36 -32.26 -0.50
C ARG A 174 22.80 -32.23 -0.06
N ALA A 175 23.09 -31.27 0.79
CA ALA A 175 24.42 -31.06 1.28
C ALA A 175 24.88 -31.89 2.46
N PRO A 176 26.20 -32.06 2.47
CA PRO A 176 26.93 -32.86 3.46
C PRO A 176 26.55 -32.53 4.83
N GLU A 177 26.51 -31.26 5.18
CA GLU A 177 26.21 -30.83 6.53
C GLU A 177 24.77 -31.16 6.94
N ILE A 178 23.89 -31.39 5.98
CA ILE A 178 22.55 -31.77 6.37
C ILE A 178 22.56 -33.26 6.42
N LEU A 179 23.18 -33.89 5.44
CA LEU A 179 23.35 -35.34 5.53
C LEU A 179 23.98 -35.72 6.88
N LEU A 180 24.83 -34.88 7.45
CA LEU A 180 25.55 -35.27 8.67
C LEU A 180 24.87 -34.83 9.94
N GLY A 181 23.63 -34.37 9.81
CA GLY A 181 22.79 -34.04 10.95
C GLY A 181 23.06 -32.75 11.68
N CYS A 182 23.82 -31.84 11.07
CA CYS A 182 24.14 -30.58 11.73
C CYS A 182 22.92 -29.88 12.32
N LYS A 183 23.12 -29.15 13.39
CA LYS A 183 21.94 -28.54 13.97
C LYS A 183 21.72 -27.19 13.36
N TYR A 184 22.72 -26.73 12.61
CA TYR A 184 22.65 -25.43 12.06
C TYR A 184 23.04 -25.52 10.65
N TYR A 185 22.20 -25.05 9.75
CA TYR A 185 22.63 -24.89 8.39
C TYR A 185 22.18 -23.54 7.92
N SER A 186 22.57 -23.18 6.72
CA SER A 186 22.33 -21.88 6.22
C SER A 186 22.12 -21.82 4.71
N THR A 187 22.77 -20.79 4.16
CA THR A 187 22.67 -20.27 2.78
C THR A 187 23.54 -21.12 1.89
N ALA A 188 24.60 -21.59 2.49
CA ALA A 188 25.50 -22.52 1.83
C ALA A 188 24.86 -23.85 1.28
N VAL A 189 23.75 -24.35 1.86
CA VAL A 189 23.10 -25.51 1.27
C VAL A 189 22.53 -25.16 -0.10
N ASP A 190 22.19 -23.91 -0.36
CA ASP A 190 21.67 -23.63 -1.69
C ASP A 190 22.78 -23.68 -2.68
N ILE A 191 23.97 -23.27 -2.27
CA ILE A 191 25.14 -23.27 -3.15
C ILE A 191 25.55 -24.71 -3.56
N TRP A 192 25.63 -25.59 -2.58
CA TRP A 192 25.81 -27.00 -2.85
C TRP A 192 24.85 -27.46 -3.95
N SER A 193 23.57 -27.12 -3.80
CA SER A 193 22.57 -27.63 -4.79
C SER A 193 22.91 -27.13 -6.17
N LEU A 194 23.22 -25.84 -6.26
CA LEU A 194 23.60 -25.18 -7.49
C LEU A 194 24.85 -25.79 -8.06
N GLY A 195 25.83 -26.10 -7.22
CA GLY A 195 27.02 -26.81 -7.70
C GLY A 195 26.64 -28.18 -8.31
N CYS A 196 25.76 -28.93 -7.64
CA CYS A 196 25.31 -30.20 -8.20
C CYS A 196 24.66 -29.99 -9.55
N ILE A 197 24.01 -28.87 -9.70
CA ILE A 197 23.30 -28.59 -10.92
C ILE A 197 24.25 -28.17 -12.07
N PHE A 198 25.30 -27.44 -11.72
CA PHE A 198 26.28 -26.99 -12.69
C PHE A 198 26.91 -28.28 -13.25
N ALA A 199 27.31 -29.20 -12.40
CA ALA A 199 27.83 -30.46 -12.91
C ALA A 199 26.87 -31.12 -13.92
N GLU A 200 25.64 -31.35 -13.48
CA GLU A 200 24.59 -31.97 -14.30
C GLU A 200 24.40 -31.24 -15.61
N MET A 201 24.22 -29.95 -15.59
CA MET A 201 24.07 -29.27 -16.86
C MET A 201 25.22 -29.64 -17.80
N VAL A 202 26.43 -29.88 -17.27
CA VAL A 202 27.59 -30.22 -18.08
C VAL A 202 27.62 -31.69 -18.60
N THR A 203 27.59 -32.65 -17.68
CA THR A 203 27.56 -34.07 -18.02
C THR A 203 26.17 -34.53 -18.42
N ARG A 204 25.19 -33.68 -18.23
CA ARG A 204 23.83 -34.10 -18.48
C ARG A 204 23.32 -35.24 -17.58
N ARG A 205 24.16 -35.73 -16.67
CA ARG A 205 23.70 -36.70 -15.69
C ARG A 205 23.85 -36.25 -14.20
N ALA A 206 23.07 -36.78 -13.29
CA ALA A 206 23.23 -36.31 -11.93
C ALA A 206 24.63 -36.58 -11.45
N LEU A 207 25.14 -35.76 -10.55
CA LEU A 207 26.47 -35.93 -10.04
C LEU A 207 26.50 -36.87 -8.86
N PHE A 208 25.45 -36.87 -8.04
CA PHE A 208 25.36 -37.74 -6.88
C PHE A 208 23.93 -38.33 -6.69
N PRO A 209 23.57 -39.29 -7.52
CA PRO A 209 22.22 -39.82 -7.49
C PRO A 209 22.02 -40.97 -6.51
N GLY A 210 22.09 -40.70 -5.22
CA GLY A 210 21.96 -41.72 -4.23
C GLY A 210 20.54 -42.08 -3.86
N ASP A 211 20.36 -43.17 -3.11
CA ASP A 211 19.01 -43.71 -2.84
C ASP A 211 18.67 -43.65 -1.38
N SER A 212 19.67 -43.48 -0.54
CA SER A 212 19.39 -43.25 0.84
C SER A 212 20.34 -42.16 1.28
N GLU A 213 20.11 -41.69 2.49
CA GLU A 213 21.01 -40.75 3.05
C GLU A 213 22.45 -41.22 2.99
N ILE A 214 22.80 -42.14 3.86
CA ILE A 214 24.12 -42.73 3.83
C ILE A 214 24.60 -43.06 2.41
N ASP A 215 23.71 -43.55 1.56
CA ASP A 215 24.11 -43.81 0.17
C ASP A 215 24.56 -42.49 -0.49
N GLN A 216 23.80 -41.43 -0.24
CA GLN A 216 24.13 -40.14 -0.82
C GLN A 216 25.53 -39.64 -0.37
N LEU A 217 25.80 -39.71 0.93
CA LEU A 217 27.11 -39.38 1.51
C LEU A 217 28.35 -40.04 0.90
N PHE A 218 28.32 -41.38 0.85
CA PHE A 218 29.41 -42.19 0.34
C PHE A 218 29.66 -41.84 -1.11
N ARG A 219 28.60 -41.61 -1.88
CA ARG A 219 28.74 -41.18 -3.28
C ARG A 219 29.50 -39.89 -3.25
N ILE A 220 29.03 -38.94 -2.43
CA ILE A 220 29.72 -37.71 -2.22
C ILE A 220 31.16 -37.99 -1.80
N PHE A 221 31.35 -38.74 -0.72
CA PHE A 221 32.72 -39.07 -0.25
C PHE A 221 33.64 -39.67 -1.31
N ARG A 222 33.11 -40.46 -2.20
CA ARG A 222 34.01 -41.18 -3.11
C ARG A 222 34.44 -40.32 -4.26
N THR A 223 33.74 -39.23 -4.41
CA THR A 223 33.98 -38.30 -5.43
C THR A 223 34.91 -37.13 -4.95
N LEU A 224 34.77 -36.64 -3.72
CA LEU A 224 35.51 -35.46 -3.29
C LEU A 224 36.48 -35.75 -2.17
N GLY A 225 36.42 -36.97 -1.65
CA GLY A 225 37.29 -37.47 -0.60
C GLY A 225 36.54 -37.60 0.68
N THR A 226 36.96 -38.44 1.61
CA THR A 226 36.18 -38.54 2.81
C THR A 226 36.75 -37.39 3.57
N PRO A 227 35.86 -36.54 4.10
CA PRO A 227 36.26 -35.37 4.90
C PRO A 227 36.92 -35.70 6.25
N ASP A 228 37.94 -34.95 6.63
CA ASP A 228 38.57 -35.05 7.96
C ASP A 228 38.67 -33.66 8.62
N GLU A 229 39.27 -33.58 9.80
CA GLU A 229 39.26 -32.31 10.52
C GLU A 229 40.12 -31.25 9.82
N VAL A 230 41.08 -31.69 9.02
CA VAL A 230 41.90 -30.73 8.33
C VAL A 230 41.07 -30.03 7.30
N VAL A 231 40.40 -30.79 6.48
CA VAL A 231 39.60 -30.20 5.46
C VAL A 231 38.35 -29.55 6.08
N TRP A 232 37.84 -30.07 7.21
CA TRP A 232 36.56 -29.59 7.72
C TRP A 232 36.43 -29.64 9.22
N PRO A 233 37.00 -28.63 9.85
CA PRO A 233 37.06 -28.59 11.31
C PRO A 233 35.64 -28.78 11.88
N GLY A 234 35.48 -29.81 12.71
CA GLY A 234 34.19 -30.17 13.23
C GLY A 234 33.50 -31.41 12.63
N VAL A 235 33.88 -31.89 11.42
CA VAL A 235 33.13 -33.03 10.88
C VAL A 235 33.06 -34.16 11.87
N THR A 236 34.18 -34.50 12.51
CA THR A 236 34.17 -35.68 13.36
C THR A 236 33.36 -35.50 14.59
N SER A 237 32.82 -34.30 14.78
CA SER A 237 31.99 -34.05 15.94
C SER A 237 30.52 -33.98 15.60
N MET A 238 30.20 -34.02 14.31
CA MET A 238 28.81 -33.93 13.88
C MET A 238 27.94 -35.14 14.30
N PRO A 239 26.69 -34.86 14.65
CA PRO A 239 25.83 -35.90 15.23
C PRO A 239 25.81 -37.20 14.46
N ASP A 240 25.79 -37.14 13.12
CA ASP A 240 25.74 -38.36 12.35
C ASP A 240 27.06 -38.82 11.75
N TYR A 241 28.18 -38.19 12.11
CA TYR A 241 29.49 -38.68 11.61
C TYR A 241 29.83 -39.99 12.31
N LYS A 242 30.35 -40.94 11.57
CA LYS A 242 30.78 -42.19 12.17
C LYS A 242 32.26 -42.49 11.82
N PRO A 243 33.07 -42.77 12.82
CA PRO A 243 34.47 -43.17 12.61
C PRO A 243 34.61 -44.43 11.74
N SER A 244 33.55 -45.19 11.56
CA SER A 244 33.60 -46.33 10.69
C SER A 244 33.47 -45.99 9.19
N PHE A 245 33.26 -44.73 8.85
CA PHE A 245 33.15 -44.35 7.45
C PHE A 245 34.38 -44.73 6.69
N PRO A 246 34.23 -45.38 5.59
CA PRO A 246 35.40 -45.69 4.78
C PRO A 246 36.12 -44.36 4.46
N LYS A 247 37.44 -44.42 4.33
CA LYS A 247 38.22 -43.24 4.04
C LYS A 247 38.71 -43.15 2.59
N TRP A 248 37.87 -42.63 1.69
CA TRP A 248 38.30 -42.54 0.31
C TRP A 248 39.15 -41.29 0.02
N ALA A 249 40.01 -41.43 -0.97
CA ALA A 249 40.86 -40.36 -1.35
C ALA A 249 40.13 -39.48 -2.34
N ARG A 250 40.54 -38.24 -2.42
CA ARG A 250 39.91 -37.30 -3.31
C ARG A 250 40.41 -37.45 -4.75
N GLN A 251 39.48 -37.43 -5.69
CA GLN A 251 39.76 -37.44 -7.14
C GLN A 251 40.16 -36.02 -7.61
N ASP A 252 40.80 -35.94 -8.78
CA ASP A 252 41.09 -34.67 -9.44
C ASP A 252 39.72 -34.18 -9.85
N PHE A 253 39.50 -32.85 -9.87
CA PHE A 253 38.20 -32.34 -10.30
C PHE A 253 38.06 -32.49 -11.78
N SER A 254 39.22 -32.64 -12.43
CA SER A 254 39.26 -32.82 -13.85
C SER A 254 38.63 -34.12 -14.19
N LYS A 255 38.52 -35.05 -13.26
CA LYS A 255 37.87 -36.32 -13.56
C LYS A 255 36.41 -36.32 -13.17
N VAL A 256 36.08 -35.44 -12.26
CA VAL A 256 34.75 -35.32 -11.77
C VAL A 256 33.83 -34.79 -12.85
N VAL A 257 34.32 -33.86 -13.65
CA VAL A 257 33.50 -33.32 -14.77
C VAL A 257 34.40 -32.98 -15.90
N PRO A 258 34.82 -34.02 -16.61
CA PRO A 258 35.92 -33.93 -17.58
C PRO A 258 35.86 -32.81 -18.56
N PRO A 259 34.73 -32.45 -19.09
CA PRO A 259 34.70 -31.36 -20.07
C PRO A 259 34.92 -29.93 -19.52
N LEU A 260 35.04 -29.75 -18.22
CA LEU A 260 35.28 -28.41 -17.68
C LEU A 260 36.72 -27.91 -17.87
N ASP A 261 36.89 -26.63 -18.14
CA ASP A 261 38.18 -25.98 -18.25
C ASP A 261 38.63 -25.56 -16.82
N GLU A 262 39.74 -24.86 -16.66
CA GLU A 262 40.20 -24.52 -15.30
C GLU A 262 39.25 -23.62 -14.52
N ASP A 263 38.70 -22.59 -15.15
CA ASP A 263 37.86 -21.69 -14.41
C ASP A 263 36.59 -22.39 -13.94
N GLY A 264 35.94 -23.08 -14.87
CA GLY A 264 34.82 -23.95 -14.54
C GLY A 264 35.16 -24.87 -13.38
N ARG A 265 36.35 -25.46 -13.42
CA ARG A 265 36.69 -26.37 -12.36
C ARG A 265 36.89 -25.71 -11.08
N SER A 266 37.57 -24.57 -11.10
CA SER A 266 37.82 -23.86 -9.86
C SER A 266 36.50 -23.38 -9.24
N LEU A 267 35.59 -22.86 -10.04
CA LEU A 267 34.30 -22.48 -9.46
C LEU A 267 33.51 -23.66 -8.87
N LEU A 268 33.29 -24.72 -9.66
CA LEU A 268 32.50 -25.86 -9.19
C LEU A 268 33.12 -26.34 -7.93
N SER A 269 34.44 -26.31 -7.96
CA SER A 269 35.25 -26.68 -6.83
C SER A 269 34.96 -25.79 -5.60
N GLN A 270 34.69 -24.50 -5.75
CA GLN A 270 34.41 -23.71 -4.56
C GLN A 270 32.95 -23.80 -4.10
N MET A 271 32.09 -24.30 -5.00
CA MET A 271 30.66 -24.55 -4.69
C MET A 271 30.46 -25.86 -4.00
N LEU A 272 31.39 -26.79 -4.19
CA LEU A 272 31.33 -28.14 -3.63
C LEU A 272 32.26 -28.32 -2.44
N HIS A 273 32.58 -27.25 -1.74
CA HIS A 273 33.47 -27.35 -0.56
C HIS A 273 32.77 -27.95 0.64
N TYR A 274 33.46 -28.88 1.32
CA TYR A 274 32.88 -29.52 2.45
C TYR A 274 32.39 -28.52 3.48
N ASP A 275 33.29 -27.62 3.86
CA ASP A 275 33.07 -26.72 4.97
C ASP A 275 32.17 -25.56 4.51
N PRO A 276 30.96 -25.50 5.06
CA PRO A 276 30.00 -24.47 4.74
C PRO A 276 30.62 -23.07 4.83
N ASN A 277 31.47 -22.80 5.80
CA ASN A 277 32.14 -21.50 5.86
C ASN A 277 33.03 -21.17 4.67
N LYS A 278 33.81 -22.11 4.14
CA LYS A 278 34.62 -21.80 2.95
C LYS A 278 33.85 -21.91 1.63
N ARG A 279 32.74 -22.65 1.60
CA ARG A 279 31.98 -22.77 0.35
C ARG A 279 31.70 -21.35 -0.15
N ILE A 280 31.81 -21.13 -1.46
CA ILE A 280 31.69 -19.81 -1.97
C ILE A 280 30.30 -19.25 -1.73
N SER A 281 30.07 -17.96 -1.98
CA SER A 281 28.68 -17.59 -1.84
C SER A 281 28.14 -17.15 -3.16
N ALA A 282 26.81 -17.17 -3.31
CA ALA A 282 26.32 -16.77 -4.62
C ALA A 282 26.93 -15.43 -5.05
N LYS A 283 26.87 -14.45 -4.16
CA LYS A 283 27.42 -13.11 -4.40
C LYS A 283 28.87 -13.15 -4.91
N ALA A 284 29.74 -13.77 -4.13
CA ALA A 284 31.13 -13.81 -4.51
C ALA A 284 31.31 -14.55 -5.81
N ALA A 285 30.50 -15.58 -6.01
CA ALA A 285 30.61 -16.41 -7.22
C ALA A 285 30.31 -15.66 -8.50
N LEU A 286 29.55 -14.58 -8.36
CA LEU A 286 29.23 -13.74 -9.47
C LEU A 286 30.48 -13.17 -10.10
N ALA A 287 31.50 -12.94 -9.29
CA ALA A 287 32.71 -12.34 -9.79
C ALA A 287 33.75 -13.33 -10.30
N HIS A 288 33.44 -14.61 -10.33
CA HIS A 288 34.44 -15.60 -10.71
C HIS A 288 34.88 -15.47 -12.17
N PRO A 289 36.15 -15.65 -12.47
CA PRO A 289 36.61 -15.52 -13.87
C PRO A 289 35.92 -16.49 -14.79
N PHE A 290 35.33 -17.55 -14.24
CA PHE A 290 34.57 -18.41 -15.11
C PHE A 290 33.61 -17.53 -15.93
N PHE A 291 33.07 -16.49 -15.33
CA PHE A 291 32.10 -15.65 -16.02
C PHE A 291 32.64 -14.44 -16.84
N GLN A 292 33.94 -14.22 -16.90
CA GLN A 292 34.37 -13.05 -17.65
C GLN A 292 33.63 -12.79 -18.95
N ASP A 293 33.27 -13.83 -19.73
CA ASP A 293 32.68 -13.56 -21.06
C ASP A 293 31.21 -13.89 -21.25
N VAL A 294 30.44 -13.84 -20.17
CA VAL A 294 29.09 -14.35 -20.22
C VAL A 294 28.13 -13.47 -20.99
N THR A 295 27.07 -14.12 -21.45
CA THR A 295 26.03 -13.50 -22.27
C THR A 295 24.81 -14.36 -22.06
N LYS A 296 23.64 -13.80 -22.33
CA LYS A 296 22.38 -14.50 -22.13
C LYS A 296 21.81 -15.12 -23.41
N PRO A 297 22.49 -16.13 -23.94
CA PRO A 297 22.00 -16.85 -25.11
C PRO A 297 20.57 -17.33 -24.95
N VAL A 298 19.94 -17.54 -26.09
CA VAL A 298 18.58 -18.04 -26.19
C VAL A 298 18.47 -19.57 -26.37
N VAL B 2 26.49 -15.31 9.49
CA VAL B 2 27.07 -15.72 8.17
C VAL B 2 27.45 -14.47 7.35
N PRO B 3 28.50 -13.82 7.83
CA PRO B 3 28.88 -12.48 7.38
C PRO B 3 29.08 -12.22 5.89
N ASP B 4 28.53 -13.07 5.04
CA ASP B 4 28.60 -12.81 3.60
C ASP B 4 27.45 -11.87 3.33
N TYR B 5 26.31 -12.16 3.98
CA TYR B 5 25.09 -11.39 3.82
C TYR B 5 24.66 -10.55 5.05
N HIS B 6 25.42 -10.61 6.14
CA HIS B 6 25.11 -9.90 7.41
C HIS B 6 24.63 -8.44 7.20
N GLU B 7 25.42 -7.65 6.49
CA GLU B 7 24.98 -6.28 6.36
C GLU B 7 23.79 -6.08 5.43
N ASP B 8 23.81 -6.73 4.27
CA ASP B 8 22.67 -6.72 3.35
C ASP B 8 21.38 -7.00 4.12
N ILE B 9 21.37 -8.02 4.95
CA ILE B 9 20.12 -8.32 5.62
C ILE B 9 19.71 -7.26 6.66
N HIS B 10 20.70 -6.88 7.46
CA HIS B 10 20.47 -5.81 8.40
C HIS B 10 19.79 -4.61 7.69
N THR B 11 20.33 -4.25 6.52
CA THR B 11 19.80 -3.17 5.74
C THR B 11 18.36 -3.39 5.29
N TYR B 12 18.13 -4.55 4.72
CA TYR B 12 16.84 -4.91 4.28
C TYR B 12 15.85 -4.97 5.43
N LEU B 13 16.30 -5.36 6.59
CA LEU B 13 15.38 -5.45 7.69
C LEU B 13 15.02 -4.04 8.16
N ARG B 14 15.98 -3.12 8.01
CA ARG B 14 15.76 -1.75 8.40
C ARG B 14 14.69 -1.18 7.51
N GLU B 15 14.79 -1.48 6.24
CA GLU B 15 13.77 -0.97 5.36
C GLU B 15 12.40 -1.64 5.67
N MET B 16 12.39 -2.94 5.84
CA MET B 16 11.15 -3.61 6.10
C MET B 16 10.50 -3.22 7.43
N GLU B 17 11.27 -2.95 8.47
CA GLU B 17 10.63 -2.63 9.74
C GLU B 17 9.78 -1.35 9.65
N VAL B 18 10.12 -0.45 8.75
CA VAL B 18 9.26 0.72 8.57
C VAL B 18 7.96 0.38 7.87
N LYS B 19 7.99 -0.56 6.92
CA LYS B 19 6.76 -0.94 6.20
C LYS B 19 5.81 -1.80 7.01
N CYS B 20 6.33 -2.44 8.06
CA CYS B 20 5.54 -3.35 8.87
C CYS B 20 5.18 -2.72 10.17
N LYS B 21 5.55 -1.46 10.34
CA LYS B 21 5.15 -0.76 11.53
C LYS B 21 3.63 -0.58 11.59
N PRO B 22 3.10 -0.81 12.76
CA PRO B 22 1.68 -0.67 13.02
C PRO B 22 1.42 0.82 13.20
N LYS B 23 0.18 1.28 13.28
CA LYS B 23 0.02 2.69 13.54
C LYS B 23 0.09 3.03 15.03
N VAL B 24 0.81 4.08 15.43
CA VAL B 24 0.99 4.37 16.85
C VAL B 24 -0.29 4.67 17.61
N GLY B 25 -1.22 5.32 16.96
CA GLY B 25 -2.39 5.69 17.74
C GLY B 25 -3.25 4.51 18.04
N TYR B 26 -3.46 3.76 16.97
CA TYR B 26 -4.47 2.72 16.85
C TYR B 26 -5.43 2.54 17.98
N MET B 27 -4.96 2.32 19.18
CA MET B 27 -5.92 1.99 20.23
C MET B 27 -6.97 3.12 20.46
N LYS B 28 -6.59 4.35 20.25
CA LYS B 28 -7.57 5.40 20.40
C LYS B 28 -8.72 5.22 19.40
N LYS B 29 -8.50 4.50 18.29
CA LYS B 29 -9.56 4.35 17.28
C LYS B 29 -10.35 3.08 17.48
N GLN B 30 -10.07 2.33 18.53
CA GLN B 30 -10.81 1.11 18.74
C GLN B 30 -11.80 1.37 19.84
N PRO B 31 -13.05 1.53 19.50
CA PRO B 31 -14.07 1.89 20.48
C PRO B 31 -14.23 0.93 21.67
N ASP B 32 -14.09 -0.36 21.45
CA ASP B 32 -14.31 -1.30 22.50
C ASP B 32 -13.05 -1.99 23.10
N ILE B 33 -11.85 -1.57 22.72
CA ILE B 33 -10.69 -2.17 23.33
C ILE B 33 -9.64 -1.15 23.71
N THR B 34 -8.76 -1.55 24.63
CA THR B 34 -7.72 -0.70 25.14
C THR B 34 -6.37 -1.35 25.15
N ASN B 35 -5.42 -0.56 25.62
CA ASN B 35 -4.11 -0.99 25.77
C ASN B 35 -3.99 -2.02 26.91
N SER B 36 -4.96 -2.04 27.81
CA SER B 36 -4.89 -2.98 28.90
C SER B 36 -5.38 -4.34 28.49
N MET B 37 -6.41 -4.41 27.67
CA MET B 37 -6.84 -5.72 27.21
C MET B 37 -5.79 -6.37 26.31
N ARG B 38 -5.12 -5.52 25.53
CA ARG B 38 -4.07 -5.98 24.63
C ARG B 38 -3.00 -6.60 25.49
N ALA B 39 -2.63 -5.90 26.55
CA ALA B 39 -1.62 -6.36 27.47
C ALA B 39 -2.08 -7.72 27.98
N ILE B 40 -3.37 -7.81 28.30
CA ILE B 40 -3.89 -9.06 28.78
C ILE B 40 -3.70 -10.09 27.67
N LEU B 41 -3.88 -9.70 26.41
CA LEU B 41 -3.78 -10.67 25.33
C LEU B 41 -2.38 -11.13 25.04
N VAL B 42 -1.45 -10.19 25.02
CA VAL B 42 -0.06 -10.55 24.73
C VAL B 42 0.55 -11.42 25.82
N ASP B 43 0.13 -11.18 27.06
CA ASP B 43 0.59 -11.98 28.20
C ASP B 43 0.15 -13.43 28.03
N TRP B 44 -1.06 -13.61 27.54
CA TRP B 44 -1.65 -14.89 27.26
C TRP B 44 -0.95 -15.59 26.13
N LEU B 45 -0.55 -14.85 25.09
CA LEU B 45 0.19 -15.49 24.01
C LEU B 45 1.53 -15.93 24.59
N VAL B 46 2.06 -15.21 25.57
CA VAL B 46 3.32 -15.64 26.17
C VAL B 46 3.19 -17.04 26.81
N GLU B 47 2.11 -17.25 27.55
CA GLU B 47 1.90 -18.55 28.20
C GLU B 47 1.56 -19.58 27.14
N VAL B 48 0.85 -19.19 26.10
CA VAL B 48 0.55 -20.17 25.06
C VAL B 48 1.88 -20.61 24.43
N GLY B 49 2.77 -19.63 24.23
CA GLY B 49 4.09 -19.95 23.71
C GLY B 49 4.84 -20.90 24.66
N GLU B 50 4.70 -20.71 25.96
CA GLU B 50 5.38 -21.62 26.88
C GLU B 50 4.63 -22.95 26.98
N GLU B 51 3.29 -22.89 27.03
CA GLU B 51 2.56 -24.11 27.05
C GLU B 51 2.99 -24.96 25.85
N TYR B 52 2.92 -24.42 24.63
CA TYR B 52 3.25 -25.24 23.43
C TYR B 52 4.73 -25.28 23.00
N LYS B 53 5.55 -24.64 23.81
CA LYS B 53 6.99 -24.62 23.60
C LYS B 53 7.41 -23.95 22.30
N LEU B 54 6.77 -22.85 21.93
CA LEU B 54 7.13 -22.16 20.70
C LEU B 54 8.39 -21.30 20.84
N GLN B 55 8.99 -21.00 19.72
CA GLN B 55 10.08 -20.06 19.67
C GLN B 55 9.60 -18.65 20.10
N ASN B 56 10.52 -17.89 20.67
CA ASN B 56 10.23 -16.49 20.97
C ASN B 56 9.93 -15.70 19.68
N GLU B 57 10.48 -16.17 18.56
CA GLU B 57 10.26 -15.50 17.29
C GLU B 57 8.77 -15.47 16.93
N THR B 58 8.14 -16.63 17.02
CA THR B 58 6.72 -16.81 16.74
C THR B 58 5.93 -15.84 17.55
N LEU B 59 6.37 -15.65 18.79
CA LEU B 59 5.71 -14.77 19.70
C LEU B 59 5.84 -13.31 19.15
N HIS B 60 7.05 -12.89 18.78
CA HIS B 60 7.23 -11.52 18.23
C HIS B 60 6.37 -11.34 16.97
N LEU B 61 6.35 -12.31 16.06
CA LEU B 61 5.58 -12.18 14.83
C LEU B 61 4.08 -12.07 15.13
N ALA B 62 3.59 -12.88 16.04
CA ALA B 62 2.18 -12.85 16.25
C ALA B 62 1.71 -11.50 16.76
N VAL B 63 2.49 -10.89 17.64
CA VAL B 63 2.12 -9.61 18.18
C VAL B 63 2.19 -8.58 17.01
N ASN B 64 3.25 -8.63 16.20
CA ASN B 64 3.31 -7.76 15.03
C ASN B 64 2.06 -7.96 14.17
N TYR B 65 1.58 -9.20 13.99
CA TYR B 65 0.38 -9.41 13.17
C TYR B 65 -0.84 -8.78 13.88
N ILE B 66 -0.97 -8.99 15.19
CA ILE B 66 -2.12 -8.41 15.91
C ILE B 66 -2.14 -6.88 15.81
N ASP B 67 -0.98 -6.24 16.07
CA ASP B 67 -0.90 -4.79 15.96
C ASP B 67 -1.24 -4.22 14.59
N ARG B 68 -0.77 -4.83 13.52
CA ARG B 68 -1.08 -4.39 12.19
C ARG B 68 -2.55 -4.68 11.87
N PHE B 69 -3.07 -5.77 12.44
CA PHE B 69 -4.42 -6.15 12.14
C PHE B 69 -5.31 -5.14 12.79
N LEU B 70 -4.98 -4.75 14.02
CA LEU B 70 -5.77 -3.81 14.76
C LEU B 70 -5.49 -2.37 14.33
N SER B 71 -4.55 -2.13 13.45
CA SER B 71 -4.41 -0.77 12.95
C SER B 71 -5.48 -0.52 11.90
N SER B 72 -6.16 -1.57 11.47
CA SER B 72 -7.09 -1.34 10.37
C SER B 72 -8.48 -2.02 10.48
N MET B 73 -8.73 -2.69 11.58
CA MET B 73 -10.00 -3.38 11.80
C MET B 73 -10.42 -3.19 13.25
N SER B 74 -11.59 -2.61 13.44
CA SER B 74 -12.12 -2.46 14.76
C SER B 74 -12.56 -3.87 15.19
N VAL B 75 -12.41 -4.20 16.45
CA VAL B 75 -12.77 -5.53 16.87
C VAL B 75 -13.46 -5.44 18.19
N LEU B 76 -14.50 -6.24 18.42
CA LEU B 76 -15.15 -6.26 19.76
C LEU B 76 -14.33 -7.06 20.78
N ARG B 77 -14.44 -6.65 22.04
CA ARG B 77 -13.64 -7.28 23.12
C ARG B 77 -13.78 -8.75 23.16
N GLY B 78 -14.96 -9.25 22.79
CA GLY B 78 -15.25 -10.68 22.75
C GLY B 78 -14.53 -11.46 21.66
N LYS B 79 -14.05 -10.75 20.62
CA LYS B 79 -13.25 -11.34 19.54
C LYS B 79 -11.74 -11.06 19.60
N LEU B 80 -11.29 -10.21 20.50
CA LEU B 80 -9.88 -9.96 20.57
C LEU B 80 -9.02 -11.25 20.66
N GLN B 81 -9.43 -12.18 21.52
CA GLN B 81 -8.72 -13.48 21.67
C GLN B 81 -8.78 -14.34 20.40
N LEU B 82 -9.88 -14.21 19.67
CA LEU B 82 -9.97 -14.90 18.40
C LEU B 82 -8.88 -14.41 17.46
N VAL B 83 -8.73 -13.10 17.38
CA VAL B 83 -7.74 -12.51 16.50
C VAL B 83 -6.37 -12.97 16.97
N GLY B 84 -6.17 -12.93 18.29
CA GLY B 84 -4.87 -13.25 18.87
C GLY B 84 -4.52 -14.69 18.58
N THR B 85 -5.51 -15.55 18.69
CA THR B 85 -5.31 -16.95 18.42
C THR B 85 -4.99 -17.21 16.96
N ALA B 86 -5.71 -16.62 16.02
CA ALA B 86 -5.39 -16.87 14.60
C ALA B 86 -4.00 -16.29 14.26
N ALA B 87 -3.66 -15.22 14.91
CA ALA B 87 -2.36 -14.70 14.73
C ALA B 87 -1.31 -15.75 15.15
N MET B 88 -1.46 -16.29 16.36
CA MET B 88 -0.48 -17.24 16.90
C MET B 88 -0.28 -18.43 15.96
N LEU B 89 -1.37 -18.90 15.38
CA LEU B 89 -1.37 -19.97 14.42
C LEU B 89 -0.65 -19.56 13.12
N LEU B 90 -0.85 -18.32 12.67
CA LEU B 90 -0.19 -17.91 11.45
C LEU B 90 1.27 -17.86 11.73
N ALA B 91 1.65 -17.29 12.86
CA ALA B 91 3.07 -17.18 13.21
C ALA B 91 3.70 -18.55 13.33
N SER B 92 3.05 -19.48 13.99
CA SER B 92 3.57 -20.82 14.09
C SER B 92 3.75 -21.48 12.72
N LYS B 93 2.77 -21.39 11.84
CA LYS B 93 2.91 -22.04 10.56
C LYS B 93 4.06 -21.40 9.82
N PHE B 94 4.26 -20.13 10.05
CA PHE B 94 5.31 -19.46 9.35
C PHE B 94 6.70 -19.80 9.85
N GLU B 95 6.81 -19.85 11.16
CA GLU B 95 8.08 -19.86 11.84
C GLU B 95 8.55 -21.20 12.48
N GLU B 96 7.60 -21.99 12.98
CA GLU B 96 7.84 -23.26 13.64
C GLU B 96 8.15 -24.47 12.73
N ILE B 97 9.10 -25.30 13.17
CA ILE B 97 9.33 -26.57 12.47
C ILE B 97 8.08 -27.37 12.56
N TYR B 98 7.50 -27.42 13.73
CA TYR B 98 6.24 -28.13 13.96
C TYR B 98 5.18 -27.24 14.59
N PRO B 99 4.34 -26.66 13.79
CA PRO B 99 3.30 -25.78 14.36
C PRO B 99 2.27 -26.59 15.17
N PRO B 100 1.75 -26.09 16.25
CA PRO B 100 0.67 -26.81 16.92
C PRO B 100 -0.49 -26.93 15.95
N GLU B 101 -1.37 -27.90 16.18
CA GLU B 101 -2.51 -28.10 15.30
C GLU B 101 -3.64 -27.12 15.64
N VAL B 102 -4.42 -26.79 14.64
CA VAL B 102 -5.52 -25.85 14.86
C VAL B 102 -6.39 -26.24 16.03
N ALA B 103 -6.60 -27.53 16.21
CA ALA B 103 -7.44 -27.94 17.31
C ALA B 103 -6.79 -27.56 18.63
N GLU B 104 -5.48 -27.74 18.71
CA GLU B 104 -4.76 -27.36 19.89
C GLU B 104 -4.94 -25.88 20.14
N PHE B 105 -5.12 -25.12 19.07
CA PHE B 105 -5.35 -23.68 19.18
C PHE B 105 -6.76 -23.38 19.66
N VAL B 106 -7.69 -24.22 19.28
CA VAL B 106 -9.05 -24.13 19.79
C VAL B 106 -9.08 -24.60 21.24
N TYR B 107 -8.25 -25.59 21.55
CA TYR B 107 -8.16 -26.14 22.90
C TYR B 107 -7.59 -25.17 23.96
N ILE B 108 -6.59 -24.34 23.66
CA ILE B 108 -6.15 -23.49 24.75
C ILE B 108 -7.08 -22.31 24.98
N THR B 109 -8.06 -22.12 24.11
CA THR B 109 -9.02 -21.06 24.36
C THR B 109 -10.08 -21.55 25.34
N ASP B 110 -10.09 -22.85 25.67
CA ASP B 110 -11.09 -23.50 26.54
C ASP B 110 -12.42 -23.49 25.82
N ASP B 111 -12.39 -24.07 24.63
CA ASP B 111 -13.45 -24.06 23.60
C ASP B 111 -14.30 -22.78 23.43
N THR B 112 -13.64 -21.63 23.61
CA THR B 112 -14.30 -20.36 23.40
C THR B 112 -14.67 -20.16 21.93
N TYR B 113 -13.86 -20.69 21.02
CA TYR B 113 -14.15 -20.51 19.61
C TYR B 113 -14.17 -21.85 18.92
N THR B 114 -14.84 -21.94 17.80
CA THR B 114 -14.81 -23.22 17.10
C THR B 114 -13.63 -23.21 16.18
N LYS B 115 -13.31 -24.39 15.66
CA LYS B 115 -12.29 -24.57 14.64
C LYS B 115 -12.64 -23.72 13.43
N LYS B 116 -13.93 -23.65 13.15
CA LYS B 116 -14.42 -22.92 12.01
C LYS B 116 -14.09 -21.45 12.18
N GLN B 117 -14.31 -20.92 13.36
CA GLN B 117 -14.07 -19.50 13.53
C GLN B 117 -12.55 -19.18 13.48
N VAL B 118 -11.73 -20.10 13.99
CA VAL B 118 -10.30 -19.87 14.01
C VAL B 118 -9.73 -19.92 12.61
N LEU B 119 -10.24 -20.83 11.80
CA LEU B 119 -9.81 -20.92 10.43
C LEU B 119 -10.27 -19.70 9.64
N ARG B 120 -11.52 -19.29 9.83
CA ARG B 120 -12.03 -18.11 9.14
C ARG B 120 -11.25 -16.86 9.54
N MET B 121 -11.01 -16.69 10.84
CA MET B 121 -10.15 -15.61 11.33
C MET B 121 -8.78 -15.66 10.69
N GLU B 122 -8.24 -16.88 10.54
CA GLU B 122 -6.86 -17.06 10.01
C GLU B 122 -6.79 -16.38 8.64
N HIS B 123 -7.78 -16.74 7.84
CA HIS B 123 -7.92 -16.22 6.50
C HIS B 123 -8.15 -14.72 6.40
N LEU B 124 -8.94 -14.15 7.32
CA LEU B 124 -9.14 -12.71 7.26
C LEU B 124 -7.86 -11.95 7.62
N VAL B 125 -7.07 -12.51 8.53
CA VAL B 125 -5.83 -11.86 8.96
C VAL B 125 -4.89 -11.85 7.79
N LEU B 126 -4.80 -12.97 7.08
CA LEU B 126 -3.98 -13.00 5.89
C LEU B 126 -4.43 -12.01 4.86
N LYS B 127 -5.73 -11.88 4.66
CA LYS B 127 -6.23 -10.89 3.70
C LYS B 127 -5.83 -9.52 4.16
N VAL B 128 -6.06 -9.20 5.42
CA VAL B 128 -5.82 -7.88 5.85
C VAL B 128 -4.32 -7.54 5.82
N LEU B 129 -3.47 -8.55 5.98
CA LEU B 129 -2.06 -8.26 5.97
C LEU B 129 -1.50 -8.44 4.56
N THR B 130 -2.38 -8.86 3.65
CA THR B 130 -1.96 -9.21 2.29
C THR B 130 -0.74 -10.14 2.27
N PHE B 131 -0.72 -11.13 3.17
CA PHE B 131 0.38 -12.08 3.31
C PHE B 131 1.76 -11.47 3.54
N ASP B 132 1.84 -10.26 4.00
CA ASP B 132 3.17 -9.79 4.36
C ASP B 132 3.52 -10.29 5.76
N LEU B 133 3.97 -11.53 5.83
CA LEU B 133 4.26 -12.14 7.13
C LEU B 133 5.70 -12.10 7.58
N ALA B 134 6.64 -11.90 6.67
CA ALA B 134 8.03 -11.85 7.08
C ALA B 134 8.41 -10.53 7.67
N ALA B 135 7.95 -10.24 8.85
CA ALA B 135 8.25 -8.97 9.48
C ALA B 135 9.48 -8.97 10.38
N PRO B 136 10.27 -7.92 10.34
CA PRO B 136 11.38 -7.78 11.25
C PRO B 136 10.86 -7.73 12.66
N THR B 137 11.53 -8.40 13.59
CA THR B 137 11.12 -8.30 14.97
C THR B 137 12.31 -7.81 15.81
N VAL B 138 12.00 -7.60 17.10
CA VAL B 138 12.99 -7.25 18.08
C VAL B 138 13.96 -8.40 18.24
N ASN B 139 13.43 -9.62 18.23
CA ASN B 139 14.26 -10.83 18.36
C ASN B 139 15.29 -10.86 17.28
N GLN B 140 14.89 -10.64 16.03
CA GLN B 140 15.81 -10.68 14.91
C GLN B 140 16.85 -9.56 14.96
N PHE B 141 16.54 -8.39 15.52
CA PHE B 141 17.60 -7.40 15.65
C PHE B 141 18.59 -7.78 16.79
N LEU B 142 18.07 -8.20 17.93
CA LEU B 142 18.87 -8.61 19.08
C LEU B 142 19.95 -9.65 18.67
N THR B 143 19.51 -10.63 17.90
CA THR B 143 20.32 -11.76 17.49
C THR B 143 21.58 -11.31 16.73
N GLN B 144 21.40 -10.31 15.89
CA GLN B 144 22.45 -9.70 15.12
C GLN B 144 23.32 -8.83 15.99
N TYR B 145 22.68 -8.09 16.87
CA TYR B 145 23.47 -7.23 17.72
C TYR B 145 24.41 -8.11 18.58
N PHE B 146 23.93 -9.31 18.88
CA PHE B 146 24.59 -10.23 19.77
C PHE B 146 25.93 -10.65 19.16
N LEU B 147 26.05 -10.61 17.86
CA LEU B 147 27.34 -10.99 17.35
C LEU B 147 28.39 -9.96 17.74
N HIS B 148 27.98 -8.91 18.41
CA HIS B 148 28.92 -7.86 18.67
C HIS B 148 29.44 -7.90 20.09
N GLN B 149 29.21 -9.00 20.77
CA GLN B 149 29.67 -9.12 22.13
C GLN B 149 31.11 -9.52 22.29
N GLN B 150 31.72 -9.14 23.42
CA GLN B 150 33.10 -9.54 23.70
C GLN B 150 33.45 -9.84 25.17
N PRO B 151 33.42 -11.13 25.49
CA PRO B 151 33.01 -12.15 24.53
C PRO B 151 31.51 -12.36 24.69
N ALA B 152 30.92 -13.31 23.96
CA ALA B 152 29.50 -13.60 24.15
C ALA B 152 29.19 -13.76 25.64
N ASN B 153 27.98 -13.42 26.04
CA ASN B 153 27.62 -13.56 27.43
C ASN B 153 26.17 -13.95 27.53
N CYS B 154 25.95 -15.23 27.81
CA CYS B 154 24.63 -15.80 27.76
C CYS B 154 23.62 -15.13 28.68
N LYS B 155 24.08 -14.58 29.78
CA LYS B 155 23.19 -13.84 30.67
C LYS B 155 22.77 -12.53 29.96
N VAL B 156 23.72 -11.93 29.27
CA VAL B 156 23.43 -10.73 28.51
C VAL B 156 22.35 -11.03 27.44
N GLU B 157 22.50 -12.14 26.73
CA GLU B 157 21.58 -12.51 25.68
C GLU B 157 20.17 -12.69 26.20
N SER B 158 19.97 -13.55 27.18
CA SER B 158 18.65 -13.79 27.75
C SER B 158 18.03 -12.54 28.36
N LEU B 159 18.83 -11.69 28.97
CA LEU B 159 18.22 -10.56 29.60
C LEU B 159 17.77 -9.57 28.53
N ALA B 160 18.48 -9.48 27.41
CA ALA B 160 18.00 -8.57 26.37
C ALA B 160 16.68 -9.08 25.79
N MET B 161 16.65 -10.38 25.45
CA MET B 161 15.46 -11.02 25.01
C MET B 161 14.30 -10.73 25.91
N PHE B 162 14.54 -10.80 27.21
CA PHE B 162 13.50 -10.62 28.21
C PHE B 162 12.98 -9.17 28.23
N LEU B 163 13.88 -8.20 28.20
CA LEU B 163 13.47 -6.81 28.16
C LEU B 163 12.74 -6.55 26.84
N GLY B 164 13.17 -7.22 25.78
CA GLY B 164 12.54 -6.99 24.52
C GLY B 164 11.20 -7.61 24.65
N GLU B 165 11.09 -8.74 25.31
CA GLU B 165 9.76 -9.38 25.39
C GLU B 165 8.86 -8.45 26.24
N LEU B 166 9.45 -7.83 27.27
CA LEU B 166 8.62 -7.00 28.12
C LEU B 166 7.93 -5.87 27.33
N SER B 167 8.61 -5.37 26.32
CA SER B 167 8.12 -4.24 25.56
C SER B 167 6.92 -4.57 24.65
N LEU B 168 6.78 -5.82 24.30
CA LEU B 168 5.63 -6.23 23.58
C LEU B 168 4.31 -6.00 24.34
N ILE B 169 4.37 -5.94 25.67
CA ILE B 169 3.16 -5.88 26.49
C ILE B 169 2.47 -4.51 26.54
N ASP B 170 3.25 -3.45 26.43
CA ASP B 170 2.72 -2.10 26.55
C ASP B 170 2.82 -1.23 25.29
N ALA B 171 1.69 -1.09 24.62
CA ALA B 171 1.52 -0.30 23.39
C ALA B 171 1.92 1.15 23.64
N ASP B 172 1.56 1.64 24.83
CA ASP B 172 2.04 2.92 25.29
C ASP B 172 3.17 2.58 26.21
N PRO B 173 4.37 2.96 25.86
CA PRO B 173 4.63 3.69 24.60
C PRO B 173 5.31 2.83 23.50
N TYR B 174 5.45 1.53 23.69
CA TYR B 174 6.37 0.82 22.79
C TYR B 174 6.02 0.82 21.29
N LEU B 175 4.76 1.09 20.95
CA LEU B 175 4.33 1.15 19.56
C LEU B 175 5.02 2.29 18.87
N LYS B 176 5.49 3.26 19.61
CA LYS B 176 6.06 4.39 18.96
C LYS B 176 7.51 4.16 18.58
N TYR B 177 8.05 2.98 18.90
CA TYR B 177 9.45 2.76 18.54
C TYR B 177 9.59 1.59 17.60
N LEU B 178 10.61 1.65 16.74
CA LEU B 178 10.88 0.54 15.83
C LEU B 178 11.71 -0.52 16.52
N PRO B 179 11.49 -1.68 16.00
CA PRO B 179 12.05 -2.93 16.53
C PRO B 179 13.52 -2.84 16.67
N SER B 180 14.17 -2.17 15.77
CA SER B 180 15.59 -2.11 15.87
C SER B 180 16.05 -1.22 17.02
N VAL B 181 15.19 -0.28 17.43
CA VAL B 181 15.51 0.73 18.41
C VAL B 181 15.24 0.06 19.77
N ILE B 182 14.10 -0.58 19.88
CA ILE B 182 13.84 -1.30 21.12
C ILE B 182 14.92 -2.35 21.36
N ALA B 183 15.49 -2.85 20.29
CA ALA B 183 16.47 -3.89 20.45
C ALA B 183 17.77 -3.31 20.92
N GLY B 184 18.10 -2.13 20.42
CA GLY B 184 19.28 -1.42 20.88
C GLY B 184 19.09 -1.03 22.35
N ALA B 185 17.96 -0.45 22.68
CA ALA B 185 17.79 -0.09 24.06
C ALA B 185 17.87 -1.36 24.94
N ALA B 186 17.27 -2.46 24.45
CA ALA B 186 17.26 -3.71 25.22
C ALA B 186 18.65 -4.30 25.34
N PHE B 187 19.40 -4.29 24.24
CA PHE B 187 20.75 -4.84 24.27
C PHE B 187 21.64 -4.07 25.23
N HIS B 188 21.46 -2.76 25.31
CA HIS B 188 22.33 -1.91 26.09
C HIS B 188 22.01 -2.04 27.56
N LEU B 189 20.73 -2.18 27.85
CA LEU B 189 20.32 -2.27 29.24
C LEU B 189 20.83 -3.56 29.79
N ALA B 190 20.86 -4.57 28.94
CA ALA B 190 21.20 -5.87 29.43
C ALA B 190 22.66 -5.89 29.69
N LEU B 191 23.41 -5.44 28.71
CA LEU B 191 24.86 -5.42 28.83
C LEU B 191 25.30 -4.65 30.05
N TYR B 192 24.65 -3.51 30.25
CA TYR B 192 25.01 -2.63 31.28
C TYR B 192 24.61 -3.18 32.64
N THR B 193 23.46 -3.80 32.71
CA THR B 193 22.98 -4.41 33.92
C THR B 193 23.83 -5.57 34.37
N VAL B 194 24.23 -6.39 33.42
CA VAL B 194 24.98 -7.58 33.77
C VAL B 194 26.48 -7.29 33.94
N THR B 195 27.07 -6.55 33.00
CA THR B 195 28.50 -6.32 33.02
C THR B 195 28.95 -4.91 33.20
N GLY B 196 28.03 -3.96 33.22
CA GLY B 196 28.46 -2.58 33.32
C GLY B 196 29.00 -1.99 32.02
N GLN B 197 29.02 -2.78 30.96
CA GLN B 197 29.49 -2.24 29.69
C GLN B 197 28.36 -1.46 29.00
N SER B 198 28.71 -0.71 27.96
CA SER B 198 27.73 0.06 27.24
C SER B 198 27.66 -0.28 25.75
N TRP B 199 26.54 0.09 25.15
CA TRP B 199 26.32 0.03 23.73
C TRP B 199 27.66 0.26 23.04
N PRO B 200 28.15 -0.73 22.30
CA PRO B 200 29.46 -0.67 21.63
C PRO B 200 29.58 0.06 20.30
N GLU B 201 30.77 0.66 20.12
CA GLU B 201 31.16 1.38 18.94
C GLU B 201 30.83 0.62 17.67
N SER B 202 31.04 -0.68 17.70
CA SER B 202 30.79 -1.42 16.46
C SER B 202 29.28 -1.41 16.10
N LEU B 203 28.42 -1.36 17.11
CA LEU B 203 27.00 -1.30 16.82
C LEU B 203 26.65 0.10 16.35
N ILE B 204 27.54 1.05 16.60
CA ILE B 204 27.32 2.38 16.09
C ILE B 204 27.65 2.34 14.62
N ARG B 205 28.81 1.82 14.29
CA ARG B 205 29.15 1.74 12.90
C ARG B 205 28.11 0.96 12.17
N LYS B 206 27.50 0.00 12.86
CA LYS B 206 26.59 -0.89 12.17
C LYS B 206 25.20 -0.29 11.98
N THR B 207 24.66 0.28 13.04
CA THR B 207 23.28 0.74 12.96
C THR B 207 23.08 2.24 12.80
N GLY B 208 24.10 3.02 13.07
CA GLY B 208 23.99 4.47 13.06
C GLY B 208 23.34 4.96 14.34
N TYR B 209 23.07 4.07 15.28
CA TYR B 209 22.50 4.52 16.52
C TYR B 209 23.56 4.74 17.60
N THR B 210 23.29 5.70 18.48
CA THR B 210 24.11 5.99 19.66
C THR B 210 23.22 5.94 20.89
N LEU B 211 23.82 5.95 22.06
CA LEU B 211 23.05 6.09 23.29
C LEU B 211 22.13 7.30 23.20
N GLU B 212 22.66 8.41 22.68
CA GLU B 212 21.87 9.62 22.46
C GLU B 212 20.62 9.38 21.61
N SER B 213 20.72 8.64 20.51
CA SER B 213 19.53 8.35 19.73
C SER B 213 18.70 7.25 20.42
N LEU B 214 19.33 6.37 21.22
CA LEU B 214 18.59 5.31 21.90
C LEU B 214 17.94 5.76 23.23
N LYS B 215 18.48 6.84 23.79
CA LYS B 215 17.97 7.47 25.02
C LYS B 215 16.45 7.43 25.33
N PRO B 216 15.58 7.96 24.49
CA PRO B 216 14.15 7.95 24.79
C PRO B 216 13.64 6.52 25.11
N CYS B 217 13.55 5.67 24.10
CA CYS B 217 13.21 4.28 24.30
C CYS B 217 13.94 3.67 25.51
N LEU B 218 15.22 3.95 25.65
CA LEU B 218 15.96 3.47 26.79
C LEU B 218 15.44 4.00 28.16
N MET B 219 14.93 5.22 28.19
CA MET B 219 14.39 5.77 29.44
C MET B 219 13.09 5.10 29.78
N ASP B 220 12.31 4.77 28.74
CA ASP B 220 11.07 4.04 28.90
C ASP B 220 11.36 2.59 29.29
N LEU B 221 12.25 1.95 28.53
CA LEU B 221 12.56 0.57 28.80
C LEU B 221 13.13 0.40 30.24
N HIS B 222 13.83 1.38 30.74
CA HIS B 222 14.41 1.28 32.06
C HIS B 222 13.34 1.31 33.19
N GLN B 223 12.33 2.18 33.02
CA GLN B 223 11.23 2.26 33.97
C GLN B 223 10.46 0.96 33.83
N THR B 224 10.34 0.45 32.61
CA THR B 224 9.53 -0.74 32.46
C THR B 224 10.16 -1.85 33.27
N TYR B 225 11.45 -2.04 33.11
CA TYR B 225 12.27 -3.02 33.85
C TYR B 225 12.25 -2.83 35.40
N LEU B 226 12.28 -1.57 35.88
CA LEU B 226 12.25 -1.29 37.32
C LEU B 226 10.89 -1.57 37.87
N LYS B 227 9.86 -1.36 37.04
CA LYS B 227 8.48 -1.51 37.51
C LYS B 227 7.94 -2.91 37.31
N ALA B 228 8.70 -3.73 36.59
CA ALA B 228 8.20 -5.04 36.17
C ALA B 228 7.55 -5.92 37.25
N PRO B 229 8.12 -5.98 38.44
CA PRO B 229 7.53 -6.77 39.52
C PRO B 229 6.14 -6.33 39.90
N GLN B 230 5.82 -5.06 39.66
CA GLN B 230 4.51 -4.53 40.02
C GLN B 230 3.44 -4.55 38.91
N HIS B 231 3.82 -4.99 37.70
CA HIS B 231 2.94 -4.91 36.54
C HIS B 231 1.82 -5.90 36.66
N ALA B 232 0.62 -5.51 36.28
CA ALA B 232 -0.52 -6.48 36.24
C ALA B 232 -0.22 -7.81 35.46
N GLN B 233 0.68 -7.77 34.48
CA GLN B 233 1.05 -8.96 33.74
C GLN B 233 2.36 -9.56 34.21
N GLN B 234 2.39 -10.85 34.47
CA GLN B 234 3.60 -11.45 35.02
C GLN B 234 4.10 -12.66 34.26
N SER B 235 3.46 -13.01 33.17
CA SER B 235 3.88 -14.23 32.49
C SER B 235 5.31 -14.23 31.95
N ILE B 236 5.82 -13.08 31.56
CA ILE B 236 7.16 -12.99 31.03
C ILE B 236 8.18 -13.18 32.16
N ARG B 237 7.98 -12.50 33.27
CA ARG B 237 8.82 -12.70 34.43
C ARG B 237 8.83 -14.16 34.87
N GLU B 238 7.65 -14.77 34.94
CA GLU B 238 7.59 -16.14 35.36
C GLU B 238 8.43 -16.86 34.35
N LYS B 239 7.93 -16.90 33.13
CA LYS B 239 8.68 -17.46 32.03
C LYS B 239 10.17 -17.29 32.21
N TYR B 240 10.66 -16.07 32.41
CA TYR B 240 12.09 -15.89 32.48
C TYR B 240 12.80 -16.24 33.83
N LYS B 241 12.11 -16.99 34.73
CA LYS B 241 12.70 -17.50 35.97
C LYS B 241 13.25 -18.88 35.65
N ASN B 242 12.97 -19.33 34.44
CA ASN B 242 13.40 -20.65 33.97
C ASN B 242 14.87 -20.72 33.61
N SER B 243 15.49 -21.87 33.77
CA SER B 243 16.89 -21.98 33.45
C SER B 243 17.09 -22.04 31.95
N LYS B 244 16.04 -22.34 31.22
CA LYS B 244 16.17 -22.21 29.78
C LYS B 244 16.66 -20.77 29.48
N TYR B 245 16.30 -19.85 30.34
CA TYR B 245 16.69 -18.46 30.15
C TYR B 245 17.64 -17.91 31.20
N HIS B 246 18.40 -18.79 31.83
CA HIS B 246 19.40 -18.36 32.77
C HIS B 246 18.80 -17.56 33.88
N GLY B 247 17.56 -17.86 34.20
CA GLY B 247 16.82 -17.20 35.26
C GLY B 247 16.93 -15.70 35.35
N VAL B 248 17.31 -15.04 34.23
CA VAL B 248 17.57 -13.60 34.23
C VAL B 248 16.51 -12.66 34.78
N SER B 249 15.28 -13.09 34.87
CA SER B 249 14.30 -12.21 35.41
C SER B 249 14.49 -12.04 36.90
N LEU B 250 15.44 -12.77 37.47
CA LEU B 250 15.72 -12.65 38.90
C LEU B 250 16.83 -11.63 39.17
N LEU B 251 17.58 -11.25 38.14
CA LEU B 251 18.60 -10.21 38.29
C LEU B 251 17.97 -8.92 38.82
N ASN B 252 18.79 -7.97 39.27
CA ASN B 252 18.26 -6.71 39.74
C ASN B 252 18.61 -5.60 38.75
N PRO B 253 17.66 -4.80 38.34
CA PRO B 253 17.96 -3.64 37.50
C PRO B 253 18.78 -2.59 38.23
N PRO B 254 19.56 -1.82 37.47
CA PRO B 254 20.36 -0.72 38.03
C PRO B 254 19.40 0.38 38.47
N GLU B 255 19.68 1.12 39.54
CA GLU B 255 18.74 2.17 39.92
C GLU B 255 18.87 3.35 38.96
N THR B 256 20.08 3.56 38.44
CA THR B 256 20.37 4.59 37.44
C THR B 256 21.16 4.01 36.29
N LEU B 257 21.14 4.68 35.14
CA LEU B 257 21.88 4.22 33.98
C LEU B 257 23.03 5.14 33.69
N ASN B 258 23.12 6.21 34.48
CA ASN B 258 24.13 7.26 34.31
C ASN B 258 24.66 7.51 32.88
N LEU B 259 23.87 8.29 32.15
CA LEU B 259 24.13 8.67 30.77
C LEU B 259 24.53 10.14 30.69
N SER C 5 -16.93 -13.13 -0.26
CA SER C 5 -16.78 -11.64 -0.23
C SER C 5 -17.54 -11.10 0.98
N MET C 6 -18.83 -11.28 0.83
CA MET C 6 -19.79 -10.90 1.79
C MET C 6 -19.96 -12.01 2.82
N GLU C 7 -19.17 -13.06 2.71
CA GLU C 7 -19.31 -14.14 3.66
C GLU C 7 -19.14 -13.73 5.11
N ASN C 8 -18.21 -12.85 5.44
CA ASN C 8 -18.02 -12.55 6.84
C ASN C 8 -19.02 -11.53 7.39
N PHE C 9 -19.89 -11.05 6.52
CA PHE C 9 -20.90 -10.09 6.92
C PHE C 9 -22.27 -10.71 7.02
N GLN C 10 -22.97 -10.43 8.12
CA GLN C 10 -24.38 -10.84 8.32
C GLN C 10 -25.27 -9.61 8.18
N LYS C 11 -26.15 -9.62 7.20
CA LYS C 11 -27.05 -8.51 7.02
C LYS C 11 -28.03 -8.46 8.16
N VAL C 12 -28.22 -7.29 8.75
CA VAL C 12 -29.13 -7.12 9.87
C VAL C 12 -30.46 -6.47 9.47
N GLU C 13 -30.42 -5.43 8.66
CA GLU C 13 -31.65 -4.79 8.25
C GLU C 13 -31.40 -3.71 7.24
N LYS C 14 -32.32 -3.56 6.28
CA LYS C 14 -32.18 -2.54 5.27
C LYS C 14 -32.34 -1.25 6.03
N ILE C 15 -31.67 -0.19 5.61
CA ILE C 15 -31.71 1.03 6.40
C ILE C 15 -31.70 2.28 5.54
N GLY C 16 -32.12 2.15 4.29
CA GLY C 16 -32.11 3.28 3.40
C GLY C 16 -31.87 2.82 1.99
N GLU C 17 -32.12 3.71 1.03
CA GLU C 17 -31.97 3.32 -0.36
C GLU C 17 -31.29 4.38 -1.21
N GLY C 18 -30.76 3.96 -2.34
CA GLY C 18 -30.09 4.83 -3.30
C GLY C 18 -30.52 4.46 -4.71
N THR C 19 -29.93 5.13 -5.71
CA THR C 19 -30.27 4.88 -7.12
C THR C 19 -29.71 3.54 -7.64
N TYR C 20 -28.50 3.19 -7.20
CA TYR C 20 -27.85 1.96 -7.63
C TYR C 20 -27.94 0.83 -6.61
N GLY C 21 -28.54 1.10 -5.46
CA GLY C 21 -28.67 0.07 -4.46
C GLY C 21 -29.23 0.39 -3.11
N VAL C 22 -29.26 -0.65 -2.29
CA VAL C 22 -29.79 -0.61 -0.96
C VAL C 22 -28.67 -0.48 0.04
N VAL C 23 -28.97 0.10 1.19
CA VAL C 23 -28.02 0.20 2.27
C VAL C 23 -28.51 -0.65 3.42
N TYR C 24 -27.65 -1.54 3.89
CA TYR C 24 -28.00 -2.40 4.99
C TYR C 24 -27.13 -2.10 6.19
N LYS C 25 -27.62 -2.43 7.39
CA LYS C 25 -26.81 -2.30 8.59
C LYS C 25 -26.30 -3.72 8.61
N ALA C 26 -25.02 -3.94 8.91
CA ALA C 26 -24.52 -5.28 8.88
C ALA C 26 -23.52 -5.53 9.99
N ARG C 27 -23.14 -6.78 10.17
CA ARG C 27 -22.19 -7.07 11.20
C ARG C 27 -21.19 -8.12 10.78
N ASN C 28 -19.93 -7.75 10.99
CA ASN C 28 -18.81 -8.58 10.65
C ASN C 28 -18.89 -9.74 11.61
N LYS C 29 -18.91 -10.95 11.09
CA LYS C 29 -19.07 -12.16 11.91
C LYS C 29 -17.87 -12.61 12.73
N LEU C 30 -16.69 -12.13 12.34
CA LEU C 30 -15.45 -12.49 12.99
C LEU C 30 -14.91 -11.45 13.96
N THR C 31 -15.09 -10.17 13.67
CA THR C 31 -14.55 -9.12 14.49
C THR C 31 -15.66 -8.49 15.30
N GLY C 32 -16.90 -8.74 14.87
CA GLY C 32 -18.06 -8.18 15.53
C GLY C 32 -18.45 -6.75 15.12
N GLU C 33 -17.68 -6.14 14.22
CA GLU C 33 -17.96 -4.77 13.83
C GLU C 33 -19.29 -4.62 13.08
N VAL C 34 -20.04 -3.62 13.48
CA VAL C 34 -21.29 -3.30 12.85
C VAL C 34 -20.98 -2.19 11.88
N VAL C 35 -21.53 -2.30 10.69
CA VAL C 35 -21.26 -1.44 9.58
C VAL C 35 -22.47 -1.24 8.67
N ALA C 36 -22.34 -0.26 7.81
CA ALA C 36 -23.34 0.03 6.80
C ALA C 36 -22.82 -0.50 5.48
N LEU C 37 -23.54 -1.43 4.86
CA LEU C 37 -23.18 -1.86 3.52
C LEU C 37 -24.04 -1.13 2.52
N LYS C 38 -23.40 -0.48 1.55
CA LYS C 38 -24.13 0.20 0.50
C LYS C 38 -24.01 -0.68 -0.71
N LYS C 39 -25.12 -1.14 -1.26
CA LYS C 39 -25.03 -1.98 -2.47
C LYS C 39 -25.07 -1.15 -3.74
N ILE C 40 -24.34 -1.62 -4.73
CA ILE C 40 -24.17 -0.89 -5.97
C ILE C 40 -24.05 -1.77 -7.23
N ARG C 41 -25.19 -2.02 -7.87
CA ARG C 41 -25.24 -2.86 -9.06
C ARG C 41 -24.42 -2.23 -10.15
N LEU C 42 -23.54 -3.03 -10.71
CA LEU C 42 -22.76 -2.51 -11.78
C LEU C 42 -23.58 -2.64 -13.08
N ASP C 43 -23.62 -1.59 -13.88
CA ASP C 43 -24.28 -1.72 -15.17
C ASP C 43 -23.34 -2.37 -16.14
N THR C 44 -23.22 -3.67 -16.00
CA THR C 44 -22.38 -4.37 -16.93
C THR C 44 -23.09 -4.31 -18.30
N GLU C 45 -22.42 -4.72 -19.34
CA GLU C 45 -23.10 -4.54 -20.66
C GLU C 45 -23.48 -3.10 -21.04
N THR C 46 -23.60 -2.17 -20.10
CA THR C 46 -24.01 -0.84 -20.54
C THR C 46 -23.14 0.32 -20.12
N GLU C 47 -23.36 0.81 -18.91
CA GLU C 47 -22.73 1.98 -18.36
C GLU C 47 -21.43 1.79 -17.59
N GLY C 48 -21.21 0.66 -16.92
CA GLY C 48 -20.03 0.46 -16.09
C GLY C 48 -20.19 0.92 -14.65
N VAL C 49 -19.11 1.30 -13.97
CA VAL C 49 -19.22 1.78 -12.61
C VAL C 49 -19.82 3.19 -12.71
N PRO C 50 -20.87 3.42 -11.96
CA PRO C 50 -21.57 4.69 -11.99
C PRO C 50 -20.63 5.78 -11.56
N SER C 51 -20.59 6.87 -12.30
CA SER C 51 -19.71 7.96 -11.94
C SER C 51 -19.88 8.51 -10.48
N THR C 52 -21.11 8.52 -9.96
CA THR C 52 -21.33 8.94 -8.58
C THR C 52 -20.55 8.04 -7.62
N ALA C 53 -20.27 6.81 -8.03
CA ALA C 53 -19.55 5.90 -7.17
C ALA C 53 -18.04 6.11 -7.30
N ILE C 54 -17.59 6.34 -8.52
CA ILE C 54 -16.18 6.54 -8.76
C ILE C 54 -15.76 7.80 -8.02
N ARG C 55 -16.60 8.82 -8.08
CA ARG C 55 -16.25 10.04 -7.39
C ARG C 55 -16.29 9.84 -5.88
N GLU C 56 -17.35 9.21 -5.38
CA GLU C 56 -17.52 8.99 -3.95
C GLU C 56 -16.41 8.14 -3.30
N ILE C 57 -16.01 7.07 -3.97
CA ILE C 57 -14.98 6.20 -3.47
C ILE C 57 -13.64 6.87 -3.57
N SER C 58 -13.38 7.47 -4.71
CA SER C 58 -12.09 7.99 -4.92
C SER C 58 -11.81 9.18 -3.99
N LEU C 59 -12.84 9.98 -3.73
CA LEU C 59 -12.74 11.15 -2.89
C LEU C 59 -12.69 10.80 -1.43
N LEU C 60 -13.49 9.83 -1.02
CA LEU C 60 -13.50 9.35 0.35
C LEU C 60 -12.21 8.62 0.66
N LYS C 61 -11.57 8.00 -0.34
CA LYS C 61 -10.28 7.32 -0.07
C LYS C 61 -9.22 8.31 0.45
N GLU C 62 -9.22 9.56 -0.02
CA GLU C 62 -8.45 10.61 0.66
C GLU C 62 -9.18 10.83 1.99
N LEU C 63 -9.80 11.99 2.10
CA LEU C 63 -10.64 12.33 3.23
C LEU C 63 -10.59 11.41 4.45
N ASN C 64 -9.57 11.57 5.28
CA ASN C 64 -9.49 10.74 6.47
C ASN C 64 -9.46 11.62 7.69
N HIS C 65 -10.64 11.85 8.24
CA HIS C 65 -10.81 12.78 9.35
C HIS C 65 -11.91 12.25 10.22
N PRO C 66 -11.87 12.62 11.49
CA PRO C 66 -12.85 12.09 12.45
C PRO C 66 -14.28 12.54 12.20
N ASN C 67 -14.45 13.64 11.49
CA ASN C 67 -15.75 14.17 11.26
C ASN C 67 -16.22 14.03 9.79
N ILE C 68 -15.54 13.16 9.07
CA ILE C 68 -16.02 12.73 7.77
C ILE C 68 -16.25 11.23 7.90
N VAL C 69 -17.34 10.72 7.36
CA VAL C 69 -17.63 9.30 7.49
C VAL C 69 -16.53 8.46 6.87
N LYS C 70 -16.23 7.34 7.49
CA LYS C 70 -15.11 6.55 7.01
C LYS C 70 -15.53 5.40 6.11
N LEU C 71 -14.89 5.27 4.97
CA LEU C 71 -15.18 4.15 4.08
C LEU C 71 -14.16 3.11 4.49
N LEU C 72 -14.60 2.02 5.09
CA LEU C 72 -13.67 0.97 5.54
C LEU C 72 -13.12 0.02 4.47
N ASP C 73 -13.91 -0.33 3.47
CA ASP C 73 -13.43 -1.30 2.49
C ASP C 73 -14.33 -1.18 1.28
N VAL C 74 -13.96 -1.87 0.21
CA VAL C 74 -14.75 -1.88 -0.98
C VAL C 74 -14.67 -3.29 -1.49
N ILE C 75 -15.75 -4.04 -1.36
CA ILE C 75 -15.77 -5.42 -1.71
C ILE C 75 -16.21 -5.51 -3.13
N HIS C 76 -15.38 -6.15 -3.93
CA HIS C 76 -15.47 -6.08 -5.36
C HIS C 76 -16.00 -7.22 -6.19
N THR C 77 -17.24 -7.57 -6.07
CA THR C 77 -17.75 -8.62 -6.97
C THR C 77 -17.73 -8.33 -8.48
N GLU C 78 -18.00 -9.36 -9.27
CA GLU C 78 -18.07 -9.23 -10.73
C GLU C 78 -19.29 -8.37 -11.15
N ASN C 79 -20.43 -8.52 -10.46
CA ASN C 79 -21.62 -7.75 -10.84
C ASN C 79 -22.05 -6.68 -9.84
N LYS C 80 -21.41 -6.64 -8.69
CA LYS C 80 -21.82 -5.69 -7.67
C LYS C 80 -20.59 -5.07 -7.07
N LEU C 81 -20.73 -3.88 -6.52
CA LEU C 81 -19.76 -3.29 -5.64
C LEU C 81 -20.48 -3.18 -4.28
N TYR C 82 -19.82 -3.61 -3.22
CA TYR C 82 -20.36 -3.33 -1.90
C TYR C 82 -19.37 -2.40 -1.26
N LEU C 83 -19.85 -1.29 -0.72
CA LEU C 83 -19.07 -0.36 0.02
C LEU C 83 -19.39 -0.52 1.51
N VAL C 84 -18.37 -0.68 2.32
CA VAL C 84 -18.48 -0.88 3.73
C VAL C 84 -18.12 0.41 4.43
N PHE C 85 -19.08 0.94 5.17
CA PHE C 85 -18.93 2.19 5.90
C PHE C 85 -19.02 1.90 7.34
N GLU C 86 -18.48 2.82 8.11
CA GLU C 86 -18.63 2.70 9.53
C GLU C 86 -20.11 2.97 9.76
N PHE C 87 -20.68 2.35 10.77
CA PHE C 87 -22.07 2.57 11.07
C PHE C 87 -22.37 3.73 12.06
N LEU C 88 -23.34 4.55 11.74
CA LEU C 88 -23.77 5.58 12.68
C LEU C 88 -25.28 5.45 12.95
N HIS C 89 -25.72 5.56 14.21
CA HIS C 89 -27.13 5.33 14.61
C HIS C 89 -28.22 6.14 13.90
N GLN C 90 -28.08 7.45 13.84
CA GLN C 90 -29.00 8.19 12.98
C GLN C 90 -28.34 9.36 12.28
N ASP C 91 -29.13 10.07 11.48
CA ASP C 91 -28.72 11.27 10.81
C ASP C 91 -29.39 12.51 11.46
N LEU C 92 -28.86 13.68 11.15
CA LEU C 92 -29.26 14.86 11.86
C LEU C 92 -30.73 15.24 11.64
N LYS C 93 -31.23 15.06 10.42
CA LYS C 93 -32.63 15.35 10.20
C LYS C 93 -33.44 14.55 11.16
N LYS C 94 -33.20 13.26 11.19
CA LYS C 94 -33.99 12.38 12.01
C LYS C 94 -33.97 12.76 13.50
N PHE C 95 -32.82 13.22 13.97
CA PHE C 95 -32.61 13.64 15.35
C PHE C 95 -33.32 14.95 15.63
N MET C 96 -33.29 15.89 14.69
CA MET C 96 -34.04 17.12 14.89
C MET C 96 -35.55 16.80 15.03
N ASP C 97 -36.04 15.97 14.12
CA ASP C 97 -37.43 15.55 14.18
C ASP C 97 -37.74 14.95 15.54
N ALA C 98 -36.86 14.07 16.00
CA ALA C 98 -37.06 13.43 17.28
C ALA C 98 -37.05 14.46 18.37
N SER C 99 -36.52 15.63 18.08
CA SER C 99 -36.39 16.66 19.12
C SER C 99 -37.42 17.76 19.00
N ALA C 100 -38.47 17.55 18.20
CA ALA C 100 -39.47 18.61 17.98
C ALA C 100 -39.96 19.26 19.28
N LEU C 101 -40.39 18.45 20.22
CA LEU C 101 -40.84 18.96 21.49
C LEU C 101 -39.65 19.45 22.31
N THR C 102 -38.92 18.52 22.97
CA THR C 102 -37.72 18.85 23.76
C THR C 102 -36.75 19.84 23.17
N GLY C 103 -36.71 19.98 21.85
CA GLY C 103 -35.73 20.87 21.24
C GLY C 103 -34.31 20.36 21.50
N ILE C 104 -33.32 21.14 21.09
CA ILE C 104 -31.93 20.73 21.21
C ILE C 104 -31.09 21.66 22.11
N PRO C 105 -30.35 21.09 23.05
CA PRO C 105 -29.52 21.91 23.95
C PRO C 105 -28.48 22.69 23.17
N LEU C 106 -28.33 23.95 23.51
CA LEU C 106 -27.44 24.87 22.79
C LEU C 106 -25.97 24.41 22.64
N PRO C 107 -25.42 23.84 23.69
CA PRO C 107 -24.04 23.36 23.59
C PRO C 107 -23.94 22.20 22.60
N LEU C 108 -24.99 21.40 22.46
CA LEU C 108 -24.93 20.29 21.48
C LEU C 108 -24.89 20.88 20.10
N ILE C 109 -25.77 21.83 19.85
CA ILE C 109 -25.73 22.56 18.58
C ILE C 109 -24.32 23.11 18.38
N LYS C 110 -23.78 23.75 19.38
CA LYS C 110 -22.49 24.36 19.12
C LYS C 110 -21.43 23.29 18.86
N SER C 111 -21.56 22.17 19.54
CA SER C 111 -20.60 21.11 19.38
C SER C 111 -20.66 20.61 17.93
N TYR C 112 -21.86 20.21 17.53
CA TYR C 112 -22.11 19.70 16.20
C TYR C 112 -21.62 20.70 15.11
N LEU C 113 -21.94 21.96 15.30
CA LEU C 113 -21.55 22.95 14.30
C LEU C 113 -20.05 23.03 14.19
N PHE C 114 -19.40 22.86 15.33
CA PHE C 114 -17.95 22.97 15.41
C PHE C 114 -17.33 21.79 14.67
N GLN C 115 -17.88 20.60 14.86
CA GLN C 115 -17.35 19.42 14.16
C GLN C 115 -17.65 19.47 12.66
N LEU C 116 -18.85 19.91 12.31
CA LEU C 116 -19.18 19.98 10.90
C LEU C 116 -18.20 20.90 10.24
N LEU C 117 -17.79 21.94 10.96
CA LEU C 117 -16.82 22.84 10.36
C LEU C 117 -15.46 22.15 10.39
N GLN C 118 -15.21 21.27 11.35
CA GLN C 118 -13.89 20.66 11.31
C GLN C 118 -13.81 19.80 10.07
N GLY C 119 -14.93 19.10 9.79
CA GLY C 119 -15.01 18.17 8.69
C GLY C 119 -14.83 18.88 7.39
N LEU C 120 -15.43 20.04 7.29
CA LEU C 120 -15.53 20.71 6.00
C LEU C 120 -14.29 21.47 5.67
N ALA C 121 -13.58 21.93 6.70
CA ALA C 121 -12.40 22.70 6.43
C ALA C 121 -11.41 21.72 5.86
N PHE C 122 -11.47 20.50 6.39
CA PHE C 122 -10.65 19.42 5.86
C PHE C 122 -11.01 19.15 4.41
N CYS C 123 -12.29 19.11 4.05
CA CYS C 123 -12.64 18.84 2.64
C CYS C 123 -12.08 19.90 1.77
N HIS C 124 -12.37 21.13 2.14
CA HIS C 124 -11.87 22.27 1.40
C HIS C 124 -10.33 22.26 1.35
N SER C 125 -9.67 21.91 2.45
CA SER C 125 -8.20 21.74 2.44
C SER C 125 -7.73 20.72 1.41
N HIS C 126 -8.65 19.91 0.87
CA HIS C 126 -8.22 18.84 -0.01
C HIS C 126 -8.86 18.93 -1.34
N ARG C 127 -9.19 20.17 -1.69
CA ARG C 127 -9.81 20.54 -2.94
C ARG C 127 -11.09 19.69 -3.26
N VAL C 128 -11.81 19.29 -2.23
CA VAL C 128 -13.03 18.53 -2.48
C VAL C 128 -14.24 19.33 -2.15
N LEU C 129 -15.13 19.51 -3.10
CA LEU C 129 -16.41 20.13 -2.80
C LEU C 129 -17.40 19.05 -2.36
N HIS C 130 -18.29 19.32 -1.40
CA HIS C 130 -19.27 18.31 -1.03
C HIS C 130 -20.55 18.45 -1.83
N ARG C 131 -21.08 19.65 -1.79
CA ARG C 131 -22.27 20.01 -2.55
C ARG C 131 -23.58 19.25 -2.30
N ASP C 132 -23.73 18.64 -1.14
CA ASP C 132 -25.02 18.01 -0.85
C ASP C 132 -25.16 17.97 0.65
N LEU C 133 -24.88 19.09 1.28
CA LEU C 133 -24.90 19.10 2.70
C LEU C 133 -26.27 19.43 3.14
N LYS C 134 -26.96 18.43 3.62
CA LYS C 134 -28.29 18.60 4.18
C LYS C 134 -28.33 17.70 5.44
N PRO C 135 -29.19 18.04 6.38
CA PRO C 135 -29.28 17.30 7.64
C PRO C 135 -29.37 15.82 7.37
N GLN C 136 -29.97 15.41 6.27
CA GLN C 136 -30.14 14.00 5.98
C GLN C 136 -28.85 13.29 5.62
N ASN C 137 -27.77 14.03 5.38
CA ASN C 137 -26.46 13.44 5.05
C ASN C 137 -25.37 13.66 6.16
N LEU C 138 -25.81 14.08 7.34
CA LEU C 138 -24.95 14.33 8.48
C LEU C 138 -25.20 13.24 9.51
N LEU C 139 -24.19 12.49 9.88
CA LEU C 139 -24.49 11.34 10.70
C LEU C 139 -24.01 11.54 12.13
N ILE C 140 -24.69 10.93 13.08
CA ILE C 140 -24.34 11.11 14.48
C ILE C 140 -24.25 9.78 15.19
N ASN C 141 -23.40 9.72 16.21
CA ASN C 141 -23.37 8.52 17.03
C ASN C 141 -23.88 8.79 18.44
N THR C 142 -23.94 7.77 19.27
CA THR C 142 -24.49 7.93 20.59
C THR C 142 -23.53 8.60 21.54
N GLU C 143 -22.57 9.35 21.02
CA GLU C 143 -21.55 9.89 21.90
C GLU C 143 -21.16 11.35 21.66
N GLY C 144 -21.94 12.07 20.88
CA GLY C 144 -21.67 13.47 20.69
C GLY C 144 -20.89 13.84 19.45
N ALA C 145 -20.56 12.84 18.64
CA ALA C 145 -19.78 13.07 17.46
C ALA C 145 -20.69 13.29 16.26
N ILE C 146 -20.35 14.19 15.36
CA ILE C 146 -21.12 14.32 14.10
C ILE C 146 -20.18 14.22 12.88
N LYS C 147 -20.72 13.83 11.73
CA LYS C 147 -19.89 13.56 10.57
C LYS C 147 -20.51 13.85 9.22
N LEU C 148 -19.72 14.32 8.27
CA LEU C 148 -20.13 14.49 6.88
C LEU C 148 -20.28 13.12 6.20
N ALA C 149 -21.40 12.88 5.55
CA ALA C 149 -21.62 11.61 4.89
C ALA C 149 -22.17 11.85 3.47
N ASP C 150 -22.32 10.75 2.73
CA ASP C 150 -22.84 10.78 1.35
C ASP C 150 -22.10 11.72 0.40
N PHE C 151 -21.08 11.18 -0.22
CA PHE C 151 -20.19 11.94 -1.07
C PHE C 151 -20.42 11.78 -2.57
N GLY C 152 -21.61 11.34 -2.94
CA GLY C 152 -21.98 11.15 -4.33
C GLY C 152 -21.96 12.44 -5.16
N LEU C 153 -22.40 13.55 -4.56
CA LEU C 153 -22.42 14.77 -5.32
C LEU C 153 -21.08 15.46 -5.28
N ALA C 154 -20.14 14.87 -4.55
CA ALA C 154 -18.86 15.53 -4.33
C ALA C 154 -18.03 15.70 -5.60
N ARG C 155 -17.11 16.65 -5.62
CA ARG C 155 -16.16 16.76 -6.72
C ARG C 155 -14.83 17.38 -6.28
N ALA C 156 -13.74 16.87 -6.85
CA ALA C 156 -12.40 17.50 -6.70
C ALA C 156 -12.35 18.81 -7.52
N PHE C 157 -12.09 19.94 -6.88
CA PHE C 157 -12.00 21.18 -7.65
C PHE C 157 -10.59 21.64 -7.96
N GLY C 158 -10.50 22.59 -8.88
CA GLY C 158 -9.20 23.14 -9.23
C GLY C 158 -8.98 24.48 -8.53
N VAL C 159 -7.85 25.11 -8.81
CA VAL C 159 -7.53 26.38 -8.23
C VAL C 159 -6.98 27.20 -9.38
N PRO C 160 -7.76 28.11 -9.98
CA PRO C 160 -9.15 28.47 -9.61
C PRO C 160 -10.28 27.68 -10.29
N VAL C 161 -11.19 27.15 -9.49
CA VAL C 161 -12.33 26.41 -10.01
C VAL C 161 -12.90 26.97 -11.31
N ARG C 162 -13.14 26.10 -12.28
CA ARG C 162 -13.85 26.53 -13.47
C ARG C 162 -15.35 26.26 -13.33
N THR C 163 -15.98 25.81 -14.41
CA THR C 163 -17.41 25.51 -14.40
C THR C 163 -17.64 24.05 -14.09
N TYR C 164 -18.36 23.81 -13.00
CA TYR C 164 -18.67 22.46 -12.56
C TYR C 164 -20.16 22.21 -12.73
N HIS C 166 -24.63 21.93 -12.86
CA HIS C 166 -25.22 23.13 -12.25
C HIS C 166 -26.26 22.75 -11.21
N GLU C 167 -27.24 21.96 -11.64
CA GLU C 167 -28.26 21.52 -10.68
C GLU C 167 -27.54 20.84 -9.55
N VAL C 168 -27.07 21.60 -8.59
CA VAL C 168 -26.32 21.00 -7.50
C VAL C 168 -26.83 21.48 -6.16
N VAL C 169 -26.88 20.57 -5.20
CA VAL C 169 -27.39 20.89 -3.85
C VAL C 169 -28.90 20.89 -3.80
N THR C 170 -29.44 20.22 -2.80
CA THR C 170 -30.85 20.24 -2.55
C THR C 170 -31.17 21.72 -2.41
N LEU C 171 -32.24 22.14 -3.06
CA LEU C 171 -32.66 23.52 -3.18
C LEU C 171 -32.77 24.34 -1.91
N TRP C 172 -33.14 23.71 -0.81
CA TRP C 172 -33.34 24.43 0.42
C TRP C 172 -31.99 24.89 0.98
N TYR C 173 -30.94 24.16 0.67
CA TYR C 173 -29.63 24.45 1.21
C TYR C 173 -28.72 25.02 0.11
N ARG C 174 -29.35 25.45 -0.98
CA ARG C 174 -28.65 25.98 -2.15
C ARG C 174 -28.27 27.47 -2.01
N ALA C 175 -27.04 27.80 -2.41
CA ALA C 175 -26.54 29.17 -2.31
C ALA C 175 -27.10 30.13 -3.36
N PRO C 176 -27.29 31.37 -2.96
CA PRO C 176 -27.91 32.36 -3.83
C PRO C 176 -27.14 32.37 -5.13
N GLU C 177 -25.85 32.10 -5.09
CA GLU C 177 -25.06 32.10 -6.29
C GLU C 177 -25.67 31.11 -7.29
N ILE C 178 -25.74 29.85 -6.92
CA ILE C 178 -26.20 28.82 -7.85
C ILE C 178 -27.62 29.07 -8.36
N LEU C 179 -28.41 29.76 -7.56
CA LEU C 179 -29.80 30.05 -7.89
C LEU C 179 -29.85 31.21 -8.85
N LEU C 180 -28.94 32.16 -8.68
CA LEU C 180 -28.82 33.26 -9.62
C LEU C 180 -28.10 32.79 -10.90
N GLY C 181 -27.72 31.50 -10.94
CA GLY C 181 -27.11 30.90 -12.12
C GLY C 181 -25.71 31.34 -12.47
N CYS C 182 -24.88 31.49 -11.46
CA CYS C 182 -23.51 31.95 -11.63
C CYS C 182 -22.71 30.97 -12.42
N LYS C 183 -21.56 31.39 -12.93
CA LYS C 183 -20.77 30.48 -13.74
C LYS C 183 -19.72 29.73 -12.94
N TYR C 184 -19.29 30.32 -11.83
CA TYR C 184 -18.32 29.65 -10.98
C TYR C 184 -18.83 29.58 -9.54
N TYR C 185 -18.64 28.42 -8.90
CA TYR C 185 -18.95 28.28 -7.47
C TYR C 185 -17.79 27.54 -6.83
N SER C 186 -17.68 27.60 -5.51
CA SER C 186 -16.57 26.95 -4.83
C SER C 186 -16.87 26.68 -3.37
N THR C 187 -15.82 26.56 -2.54
CA THR C 187 -16.06 26.19 -1.17
C THR C 187 -17.27 26.88 -0.57
N ALA C 188 -17.53 28.10 -1.01
CA ALA C 188 -18.57 28.88 -0.37
C ALA C 188 -19.95 28.23 -0.33
N VAL C 189 -20.34 27.57 -1.41
CA VAL C 189 -21.65 26.92 -1.44
C VAL C 189 -21.80 25.93 -0.32
N ASP C 190 -20.69 25.44 0.19
CA ASP C 190 -20.80 24.54 1.29
C ASP C 190 -21.05 25.36 2.57
N ILE C 191 -20.41 26.51 2.70
CA ILE C 191 -20.60 27.30 3.89
C ILE C 191 -22.06 27.67 4.01
N TRP C 192 -22.63 28.06 2.89
CA TRP C 192 -24.02 28.46 2.92
C TRP C 192 -24.92 27.36 3.49
N SER C 193 -24.80 26.16 2.97
CA SER C 193 -25.60 25.02 3.44
C SER C 193 -25.45 24.87 4.92
N LEU C 194 -24.22 24.93 5.35
CA LEU C 194 -23.91 24.77 6.75
C LEU C 194 -24.62 25.86 7.50
N GLY C 195 -24.64 27.04 6.92
CA GLY C 195 -25.33 28.15 7.53
C GLY C 195 -26.77 27.77 7.79
N CYS C 196 -27.42 27.31 6.73
CA CYS C 196 -28.82 26.88 6.81
C CYS C 196 -28.96 25.80 7.86
N ILE C 197 -28.03 24.86 7.89
CA ILE C 197 -28.10 23.78 8.87
C ILE C 197 -27.98 24.36 10.25
N PHE C 198 -26.96 25.15 10.49
CA PHE C 198 -26.82 25.84 11.78
C PHE C 198 -28.17 26.41 12.20
N ALA C 199 -28.79 27.18 11.33
CA ALA C 199 -30.04 27.81 11.67
C ALA C 199 -31.13 26.79 11.98
N GLU C 200 -31.14 25.70 11.21
CA GLU C 200 -32.13 24.64 11.37
C GLU C 200 -32.01 23.96 12.75
N MET C 201 -30.79 23.69 13.22
CA MET C 201 -30.57 23.08 14.55
C MET C 201 -31.15 23.98 15.62
N VAL C 202 -30.85 25.27 15.51
CA VAL C 202 -31.37 26.19 16.49
C VAL C 202 -32.92 26.18 16.64
N THR C 203 -33.66 26.33 15.55
CA THR C 203 -35.11 26.35 15.66
C THR C 203 -35.67 25.02 15.28
N ARG C 204 -34.84 24.17 14.73
CA ARG C 204 -35.37 22.94 14.15
C ARG C 204 -36.40 23.53 13.19
N ARG C 205 -36.46 23.02 11.97
CA ARG C 205 -37.31 23.53 10.90
C ARG C 205 -36.51 24.45 9.97
N ALA C 206 -36.57 24.12 8.68
CA ALA C 206 -35.75 24.78 7.67
C ALA C 206 -35.84 26.29 7.55
N LEU C 207 -34.65 26.89 7.43
CA LEU C 207 -34.45 28.32 7.26
C LEU C 207 -35.02 28.91 5.96
N PHE C 208 -35.05 28.10 4.91
CA PHE C 208 -35.46 28.56 3.58
C PHE C 208 -36.11 27.41 2.82
N PRO C 209 -37.37 27.11 3.11
CA PRO C 209 -38.02 25.93 2.54
C PRO C 209 -38.73 26.20 1.23
N GLY C 210 -38.03 26.61 0.20
CA GLY C 210 -38.68 26.93 -1.06
C GLY C 210 -39.34 25.78 -1.83
N ASP C 211 -40.41 26.08 -2.55
CA ASP C 211 -41.04 25.03 -3.33
C ASP C 211 -40.69 25.16 -4.83
N SER C 212 -39.68 25.98 -5.12
CA SER C 212 -39.27 26.22 -6.49
C SER C 212 -38.09 27.18 -6.46
N GLU C 213 -37.30 27.22 -7.52
CA GLU C 213 -36.14 28.11 -7.61
C GLU C 213 -36.41 29.59 -7.29
N ILE C 214 -37.53 30.09 -7.79
CA ILE C 214 -37.88 31.48 -7.59
C ILE C 214 -38.34 31.68 -6.14
N ASP C 215 -39.10 30.73 -5.62
CA ASP C 215 -39.60 30.81 -4.26
C ASP C 215 -38.44 30.81 -3.29
N GLN C 216 -37.46 29.98 -3.63
CA GLN C 216 -36.24 29.92 -2.89
C GLN C 216 -35.68 31.35 -2.78
N LEU C 217 -35.56 32.06 -3.90
CA LEU C 217 -34.96 33.39 -3.84
C LEU C 217 -35.71 34.45 -3.01
N PHE C 218 -37.00 34.55 -3.25
CA PHE C 218 -37.81 35.48 -2.52
C PHE C 218 -37.81 35.09 -1.03
N ARG C 219 -37.50 33.84 -0.71
CA ARG C 219 -37.44 33.44 0.68
C ARG C 219 -36.14 33.89 1.33
N ILE C 220 -35.08 33.90 0.55
CA ILE C 220 -33.82 34.37 1.08
C ILE C 220 -33.83 35.89 1.29
N PHE C 221 -34.41 36.62 0.34
CA PHE C 221 -34.45 38.09 0.45
C PHE C 221 -35.31 38.53 1.60
N ARG C 222 -36.56 38.05 1.64
CA ARG C 222 -37.45 38.52 2.69
C ARG C 222 -36.83 38.26 4.05
N THR C 223 -35.72 37.51 4.07
CA THR C 223 -35.09 37.23 5.37
C THR C 223 -33.80 37.99 5.62
N LEU C 224 -32.88 37.94 4.67
CA LEU C 224 -31.62 38.65 4.82
C LEU C 224 -31.68 39.98 4.08
N GLY C 225 -32.87 40.34 3.63
CA GLY C 225 -33.09 41.58 2.90
C GLY C 225 -32.64 41.45 1.46
N THR C 226 -33.43 41.99 0.54
CA THR C 226 -33.06 41.97 -0.86
C THR C 226 -31.66 42.56 -0.94
N PRO C 227 -30.77 41.89 -1.65
CA PRO C 227 -29.37 42.31 -1.74
C PRO C 227 -29.18 43.42 -2.76
N ASP C 228 -28.16 44.26 -2.55
CA ASP C 228 -27.83 45.30 -3.51
C ASP C 228 -26.31 45.39 -3.71
N GLU C 229 -25.89 46.24 -4.63
CA GLU C 229 -24.47 46.39 -4.94
C GLU C 229 -23.65 46.88 -3.76
N VAL C 230 -24.29 47.56 -2.80
CA VAL C 230 -23.58 48.04 -1.63
C VAL C 230 -23.00 46.86 -0.84
N VAL C 231 -23.86 45.89 -0.55
CA VAL C 231 -23.47 44.73 0.24
C VAL C 231 -22.92 43.57 -0.59
N TRP C 232 -23.34 43.48 -1.86
CA TRP C 232 -22.87 42.42 -2.74
C TRP C 232 -22.63 42.91 -4.17
N PRO C 233 -21.49 43.54 -4.41
CA PRO C 233 -21.16 44.01 -5.76
C PRO C 233 -21.33 42.87 -6.76
N GLY C 234 -22.01 43.13 -7.87
CA GLY C 234 -22.20 42.11 -8.88
C GLY C 234 -23.58 41.46 -8.89
N VAL C 235 -24.35 41.67 -7.83
CA VAL C 235 -25.69 41.08 -7.75
C VAL C 235 -26.47 41.28 -9.04
N THR C 236 -26.86 42.54 -9.27
CA THR C 236 -27.64 42.92 -10.44
C THR C 236 -27.19 42.28 -11.75
N SER C 237 -25.89 42.08 -11.91
CA SER C 237 -25.35 41.56 -13.16
C SER C 237 -25.38 40.04 -13.31
N MET C 238 -25.94 39.34 -12.33
CA MET C 238 -26.05 37.89 -12.46
C MET C 238 -27.21 37.54 -13.39
N PRO C 239 -26.98 36.54 -14.25
CA PRO C 239 -27.94 36.15 -15.30
C PRO C 239 -29.39 35.89 -14.87
N ASP C 240 -29.64 35.48 -13.64
CA ASP C 240 -31.02 35.22 -13.22
C ASP C 240 -31.57 36.35 -12.35
N TYR C 241 -30.74 37.34 -12.07
CA TYR C 241 -31.17 38.49 -11.28
C TYR C 241 -32.19 39.28 -12.08
N LYS C 242 -33.25 39.71 -11.41
CA LYS C 242 -34.31 40.51 -12.03
C LYS C 242 -34.46 41.83 -11.27
N PRO C 243 -34.34 42.95 -11.97
CA PRO C 243 -34.47 44.26 -11.35
C PRO C 243 -35.76 44.34 -10.54
N SER C 244 -36.83 43.78 -11.09
CA SER C 244 -38.15 43.81 -10.45
C SER C 244 -38.20 43.12 -9.09
N PHE C 245 -37.24 42.24 -8.80
CA PHE C 245 -37.21 41.57 -7.50
C PHE C 245 -37.67 42.56 -6.45
N PRO C 246 -38.70 42.23 -5.68
CA PRO C 246 -39.19 43.14 -4.65
C PRO C 246 -38.00 43.52 -3.80
N LYS C 247 -38.08 44.65 -3.10
CA LYS C 247 -36.96 45.07 -2.26
C LYS C 247 -37.33 45.07 -0.79
N TRP C 248 -37.30 43.89 -0.19
CA TRP C 248 -37.61 43.70 1.21
C TRP C 248 -36.48 44.21 2.09
N ALA C 249 -36.81 44.58 3.32
CA ALA C 249 -35.82 45.06 4.27
C ALA C 249 -35.32 43.95 5.20
N ARG C 250 -34.06 44.02 5.58
CA ARG C 250 -33.44 43.01 6.44
C ARG C 250 -34.20 42.85 7.75
N GLN C 251 -34.20 41.63 8.29
CA GLN C 251 -34.94 41.35 9.52
C GLN C 251 -34.10 41.28 10.79
N ASP C 252 -34.73 41.54 11.92
CA ASP C 252 -34.10 41.50 13.23
C ASP C 252 -33.66 40.07 13.51
N PHE C 253 -32.39 39.76 13.28
CA PHE C 253 -31.87 38.42 13.50
C PHE C 253 -32.27 37.85 14.86
N SER C 254 -32.58 38.74 15.80
CA SER C 254 -33.03 38.31 17.13
C SER C 254 -34.52 37.96 17.11
N LYS C 255 -35.11 38.00 15.92
CA LYS C 255 -36.49 37.56 15.70
C LYS C 255 -36.39 36.39 14.72
N VAL C 256 -35.34 36.43 13.89
CA VAL C 256 -35.06 35.37 12.94
C VAL C 256 -34.67 34.11 13.70
N VAL C 257 -33.74 34.28 14.63
CA VAL C 257 -33.29 33.17 15.45
C VAL C 257 -33.38 33.54 16.92
N PRO C 258 -34.59 33.52 17.43
CA PRO C 258 -34.88 33.91 18.82
C PRO C 258 -33.91 33.37 19.87
N PRO C 259 -33.75 32.05 19.99
CA PRO C 259 -32.92 31.48 21.07
C PRO C 259 -31.42 31.60 20.86
N LEU C 260 -30.98 32.44 19.94
CA LEU C 260 -29.54 32.51 19.65
C LEU C 260 -28.85 33.78 20.15
N ASP C 261 -27.79 33.59 20.92
CA ASP C 261 -27.05 34.70 21.49
C ASP C 261 -26.40 35.65 20.48
N GLU C 262 -25.74 36.67 21.01
CA GLU C 262 -25.03 37.67 20.25
C GLU C 262 -23.92 37.00 19.42
N ASP C 263 -23.24 36.05 20.04
CA ASP C 263 -22.16 35.30 19.42
C ASP C 263 -22.65 34.51 18.19
N GLY C 264 -23.67 33.67 18.40
CA GLY C 264 -24.22 32.84 17.34
C GLY C 264 -24.71 33.64 16.14
N ARG C 265 -25.41 34.73 16.41
CA ARG C 265 -25.90 35.58 15.36
C ARG C 265 -24.82 36.10 14.39
N SER C 266 -23.66 36.47 14.92
CA SER C 266 -22.56 37.00 14.12
C SER C 266 -21.99 35.98 13.14
N LEU C 267 -21.72 34.79 13.65
CA LEU C 267 -21.25 33.70 12.82
C LEU C 267 -22.25 33.39 11.66
N LEU C 268 -23.53 33.23 11.99
CA LEU C 268 -24.52 32.91 10.97
C LEU C 268 -24.55 33.92 9.83
N SER C 269 -24.56 35.20 10.16
CA SER C 269 -24.58 36.21 9.12
C SER C 269 -23.33 36.08 8.27
N GLN C 270 -22.24 35.57 8.86
CA GLN C 270 -21.03 35.41 8.10
C GLN C 270 -21.15 34.20 7.15
N MET C 271 -21.77 33.16 7.65
CA MET C 271 -21.94 32.00 6.81
C MET C 271 -22.95 32.34 5.71
N LEU C 272 -23.95 33.14 6.05
CA LEU C 272 -24.97 33.49 5.08
C LEU C 272 -24.71 34.83 4.41
N HIS C 273 -23.46 35.14 4.12
CA HIS C 273 -23.18 36.41 3.44
C HIS C 273 -23.59 36.24 1.99
N TYR C 274 -24.32 37.21 1.47
CA TYR C 274 -24.68 37.17 0.07
C TYR C 274 -23.47 36.96 -0.82
N ASP C 275 -22.38 37.65 -0.53
CA ASP C 275 -21.18 37.49 -1.36
C ASP C 275 -20.39 36.24 -0.99
N PRO C 276 -20.11 35.39 -1.98
CA PRO C 276 -19.27 34.22 -1.74
C PRO C 276 -17.88 34.65 -1.25
N ASN C 277 -17.30 35.69 -1.84
CA ASN C 277 -15.97 36.13 -1.42
C ASN C 277 -15.92 36.49 0.06
N LYS C 278 -16.93 37.24 0.49
CA LYS C 278 -16.96 37.71 1.86
C LYS C 278 -17.51 36.65 2.72
N ARG C 279 -18.05 35.59 2.10
CA ARG C 279 -18.62 34.50 2.89
C ARG C 279 -17.45 33.88 3.58
N ILE C 280 -17.60 33.66 4.87
CA ILE C 280 -16.51 33.19 5.68
C ILE C 280 -16.17 31.77 5.35
N SER C 281 -14.90 31.44 5.48
CA SER C 281 -14.45 30.09 5.26
C SER C 281 -14.72 29.29 6.52
N ALA C 282 -14.74 27.98 6.40
CA ALA C 282 -14.91 27.11 7.54
C ALA C 282 -13.67 27.17 8.42
N LYS C 283 -12.54 27.49 7.83
CA LYS C 283 -11.34 27.58 8.63
C LYS C 283 -11.55 28.75 9.59
N ALA C 284 -11.74 29.94 9.03
CA ALA C 284 -11.98 31.13 9.82
C ALA C 284 -13.11 30.90 10.80
N ALA C 285 -14.14 30.21 10.33
CA ALA C 285 -15.27 29.95 11.20
C ALA C 285 -14.76 29.42 12.52
N LEU C 286 -13.96 28.36 12.46
CA LEU C 286 -13.46 27.74 13.67
C LEU C 286 -12.88 28.75 14.70
N ALA C 287 -12.36 29.88 14.24
CA ALA C 287 -11.84 30.84 15.20
C ALA C 287 -12.97 31.68 15.82
N HIS C 288 -14.18 31.55 15.28
CA HIS C 288 -15.27 32.36 15.83
C HIS C 288 -15.56 32.18 17.34
N PRO C 289 -15.76 33.31 18.00
CA PRO C 289 -15.99 33.36 19.46
C PRO C 289 -17.21 32.58 19.86
N PHE C 290 -18.03 32.21 18.90
CA PHE C 290 -19.11 31.38 19.28
C PHE C 290 -18.44 30.13 19.83
N PHE C 291 -17.20 29.87 19.44
CA PHE C 291 -16.56 28.61 19.85
C PHE C 291 -15.64 28.60 21.08
N GLN C 292 -15.50 29.76 21.71
CA GLN C 292 -14.71 29.85 22.94
C GLN C 292 -15.07 28.74 23.92
N ASP C 293 -16.35 28.61 24.26
CA ASP C 293 -16.76 27.61 25.25
C ASP C 293 -17.20 26.24 24.72
N VAL C 294 -16.80 25.88 23.52
CA VAL C 294 -17.31 24.63 22.96
C VAL C 294 -16.92 23.40 23.76
N THR C 295 -17.89 22.51 23.98
CA THR C 295 -17.64 21.26 24.66
C THR C 295 -18.00 20.13 23.71
N LYS C 296 -18.39 18.99 24.25
CA LYS C 296 -18.76 17.85 23.44
C LYS C 296 -19.72 16.97 24.20
N PRO C 297 -20.92 17.48 24.40
CA PRO C 297 -21.99 16.70 25.06
C PRO C 297 -22.46 15.52 24.23
N VAL C 298 -23.41 14.77 24.78
CA VAL C 298 -23.96 13.59 24.11
C VAL C 298 -25.29 13.83 23.40
N VAL D 2 -11.53 29.43 -2.51
CA VAL D 2 -11.12 30.74 -1.91
C VAL D 2 -9.73 30.64 -1.28
N PRO D 3 -8.93 31.68 -1.47
CA PRO D 3 -7.57 31.76 -0.92
C PRO D 3 -7.45 31.33 0.53
N ASP D 4 -8.58 31.22 1.22
CA ASP D 4 -8.51 30.75 2.58
C ASP D 4 -7.89 29.35 2.56
N TYR D 5 -7.82 28.74 1.36
CA TYR D 5 -7.20 27.40 1.21
C TYR D 5 -6.11 27.26 0.13
N HIS D 6 -5.94 28.28 -0.72
CA HIS D 6 -4.93 28.22 -1.79
C HIS D 6 -3.61 27.52 -1.40
N GLU D 7 -3.14 27.72 -0.18
CA GLU D 7 -1.88 27.11 0.21
C GLU D 7 -2.03 25.71 0.79
N ASP D 8 -3.05 25.54 1.63
CA ASP D 8 -3.29 24.22 2.20
C ASP D 8 -3.47 23.22 1.06
N ILE D 9 -4.14 23.65 0.00
CA ILE D 9 -4.40 22.81 -1.14
C ILE D 9 -3.14 22.42 -1.88
N HIS D 10 -2.39 23.44 -2.30
CA HIS D 10 -1.11 23.26 -3.02
C HIS D 10 -0.16 22.32 -2.30
N THR D 11 -0.12 22.43 -0.99
CA THR D 11 0.73 21.58 -0.19
C THR D 11 0.27 20.16 -0.30
N TYR D 12 -1.05 19.99 -0.36
CA TYR D 12 -1.60 18.65 -0.50
C TYR D 12 -1.30 18.11 -1.88
N LEU D 13 -1.44 18.94 -2.90
CA LEU D 13 -1.16 18.39 -4.23
C LEU D 13 0.29 17.90 -4.31
N ARG D 14 1.18 18.64 -3.65
CA ARG D 14 2.58 18.24 -3.62
C ARG D 14 2.77 16.90 -2.95
N GLU D 15 2.09 16.67 -1.85
CA GLU D 15 2.20 15.37 -1.22
C GLU D 15 1.64 14.26 -2.12
N MET D 16 0.56 14.52 -2.82
CA MET D 16 -0.10 13.47 -3.58
C MET D 16 0.62 13.07 -4.86
N GLU D 17 1.14 14.05 -5.58
CA GLU D 17 1.81 13.74 -6.84
C GLU D 17 2.89 12.71 -6.63
N VAL D 18 3.57 12.75 -5.49
CA VAL D 18 4.56 11.73 -5.19
C VAL D 18 3.84 10.39 -5.08
N LYS D 19 2.72 10.34 -4.40
CA LYS D 19 2.08 9.05 -4.20
C LYS D 19 1.49 8.46 -5.45
N CYS D 20 1.02 9.30 -6.35
CA CYS D 20 0.37 8.84 -7.58
C CYS D 20 1.29 8.81 -8.79
N LYS D 21 2.59 8.91 -8.57
CA LYS D 21 3.58 8.95 -9.63
C LYS D 21 3.91 7.54 -10.07
N PRO D 22 3.94 7.31 -11.38
CA PRO D 22 4.17 5.97 -11.94
C PRO D 22 5.57 5.55 -11.64
N LYS D 23 5.96 4.35 -12.05
CA LYS D 23 7.33 3.94 -11.85
C LYS D 23 8.15 4.38 -13.07
N VAL D 24 9.20 5.16 -12.81
CA VAL D 24 9.99 5.77 -13.89
C VAL D 24 10.48 4.86 -15.03
N GLY D 25 10.89 3.65 -14.74
CA GLY D 25 11.29 2.87 -15.89
C GLY D 25 10.39 1.69 -16.20
N TYR D 26 9.06 1.87 -16.13
CA TYR D 26 8.18 0.72 -16.29
C TYR D 26 8.31 0.08 -17.65
N MET D 27 8.55 0.89 -18.66
CA MET D 27 8.58 0.43 -20.05
C MET D 27 9.63 -0.65 -20.31
N LYS D 28 10.75 -0.56 -19.59
CA LYS D 28 11.84 -1.51 -19.66
C LYS D 28 11.39 -2.88 -19.15
N LYS D 29 10.31 -2.91 -18.38
CA LYS D 29 9.81 -4.16 -17.80
C LYS D 29 8.61 -4.75 -18.56
N GLN D 30 8.09 -3.97 -19.50
CA GLN D 30 6.98 -4.42 -20.34
C GLN D 30 7.55 -5.08 -21.57
N PRO D 31 7.42 -6.39 -21.61
CA PRO D 31 7.99 -7.24 -22.65
C PRO D 31 7.48 -7.04 -24.07
N ASP D 32 6.36 -6.36 -24.22
CA ASP D 32 5.73 -6.32 -25.52
C ASP D 32 5.33 -4.94 -26.01
N ILE D 33 5.47 -3.91 -25.16
CA ILE D 33 5.15 -2.55 -25.56
C ILE D 33 6.30 -1.59 -25.28
N THR D 34 6.30 -0.44 -25.91
CA THR D 34 7.45 0.45 -25.83
C THR D 34 7.01 1.84 -25.60
N ASN D 35 7.99 2.71 -25.39
CA ASN D 35 7.71 4.10 -25.16
C ASN D 35 7.04 4.68 -26.38
N SER D 36 7.42 4.18 -27.55
CA SER D 36 6.98 4.75 -28.80
C SER D 36 5.53 4.47 -28.95
N MET D 37 5.14 3.30 -28.48
CA MET D 37 3.76 2.87 -28.52
C MET D 37 2.96 3.81 -27.61
N ARG D 38 3.47 4.03 -26.41
CA ARG D 38 2.80 4.92 -25.49
C ARG D 38 2.56 6.21 -26.22
N ALA D 39 3.62 6.76 -26.78
CA ALA D 39 3.58 8.04 -27.46
C ALA D 39 2.39 8.12 -28.38
N ILE D 40 2.18 7.03 -29.12
CA ILE D 40 1.12 6.94 -30.09
C ILE D 40 -0.28 6.87 -29.50
N LEU D 41 -0.39 6.14 -28.40
CA LEU D 41 -1.63 6.01 -27.67
C LEU D 41 -1.89 7.33 -27.03
N VAL D 42 -0.86 7.98 -26.54
CA VAL D 42 -1.19 9.25 -25.94
C VAL D 42 -1.65 10.19 -27.05
N ASP D 43 -1.00 10.16 -28.23
CA ASP D 43 -1.40 11.06 -29.33
C ASP D 43 -2.88 10.85 -29.74
N TRP D 44 -3.28 9.59 -29.82
CA TRP D 44 -4.68 9.22 -30.11
C TRP D 44 -5.60 9.80 -29.01
N LEU D 45 -5.26 9.64 -27.73
CA LEU D 45 -6.11 10.26 -26.71
C LEU D 45 -6.24 11.78 -26.93
N VAL D 46 -5.16 12.45 -27.30
CA VAL D 46 -5.24 13.88 -27.53
C VAL D 46 -6.33 14.14 -28.55
N GLU D 47 -6.43 13.26 -29.54
CA GLU D 47 -7.44 13.40 -30.59
C GLU D 47 -8.86 13.17 -30.12
N VAL D 48 -9.05 12.05 -29.43
CA VAL D 48 -10.30 11.75 -28.79
C VAL D 48 -10.65 12.94 -27.93
N GLY D 49 -9.66 13.54 -27.30
CA GLY D 49 -9.95 14.68 -26.47
C GLY D 49 -10.69 15.77 -27.21
N GLU D 50 -10.28 16.02 -28.46
CA GLU D 50 -10.86 17.12 -29.24
C GLU D 50 -12.16 16.71 -29.86
N GLU D 51 -12.17 15.51 -30.41
CA GLU D 51 -13.39 14.99 -30.98
C GLU D 51 -14.59 15.07 -30.05
N TYR D 52 -14.39 14.91 -28.75
CA TYR D 52 -15.53 14.92 -27.84
C TYR D 52 -15.53 16.14 -26.97
N LYS D 53 -14.58 17.03 -27.25
CA LYS D 53 -14.49 18.35 -26.62
C LYS D 53 -14.37 18.23 -25.12
N LEU D 54 -13.44 17.40 -24.71
CA LEU D 54 -13.25 17.14 -23.31
C LEU D 54 -12.34 18.20 -22.73
N GLN D 55 -12.43 18.41 -21.41
CA GLN D 55 -11.49 19.28 -20.72
C GLN D 55 -10.14 18.62 -20.88
N ASN D 56 -9.06 19.37 -20.76
CA ASN D 56 -7.75 18.82 -20.86
C ASN D 56 -7.27 18.06 -19.65
N GLU D 57 -7.77 18.42 -18.48
CA GLU D 57 -7.38 17.76 -17.26
C GLU D 57 -7.74 16.30 -17.46
N THR D 58 -8.84 16.04 -18.16
CA THR D 58 -9.27 14.67 -18.45
C THR D 58 -8.19 13.85 -19.07
N LEU D 59 -7.59 14.44 -20.09
CA LEU D 59 -6.49 13.87 -20.84
C LEU D 59 -5.34 13.55 -19.89
N HIS D 60 -4.92 14.55 -19.13
CA HIS D 60 -3.88 14.38 -18.14
C HIS D 60 -4.19 13.19 -17.19
N LEU D 61 -5.37 13.19 -16.57
CA LEU D 61 -5.73 12.14 -15.63
C LEU D 61 -5.63 10.82 -16.33
N ALA D 62 -6.08 10.84 -17.59
CA ALA D 62 -6.09 9.64 -18.42
C ALA D 62 -4.70 9.10 -18.52
N VAL D 63 -3.78 9.99 -18.85
CA VAL D 63 -2.39 9.59 -19.00
C VAL D 63 -1.83 9.04 -17.68
N ASN D 64 -2.24 9.64 -16.56
CA ASN D 64 -1.78 9.14 -15.28
C ASN D 64 -2.27 7.71 -15.00
N TYR D 65 -3.54 7.46 -15.32
CA TYR D 65 -4.13 6.17 -15.05
C TYR D 65 -3.38 5.13 -15.85
N ILE D 66 -3.04 5.46 -17.09
CA ILE D 66 -2.39 4.45 -17.93
C ILE D 66 -1.04 4.11 -17.41
N ASP D 67 -0.31 5.13 -16.97
CA ASP D 67 1.06 4.94 -16.54
C ASP D 67 1.20 4.11 -15.33
N ARG D 68 0.28 4.31 -14.37
CA ARG D 68 0.27 3.51 -13.13
C ARG D 68 -0.17 2.09 -13.41
N PHE D 69 -1.16 1.95 -14.30
CA PHE D 69 -1.68 0.64 -14.67
C PHE D 69 -0.54 -0.19 -15.23
N LEU D 70 0.18 0.41 -16.17
CA LEU D 70 1.29 -0.28 -16.84
C LEU D 70 2.50 -0.40 -15.92
N SER D 71 2.51 0.35 -14.81
CA SER D 71 3.58 0.15 -13.84
C SER D 71 3.35 -1.10 -13.07
N SER D 72 2.14 -1.66 -13.16
CA SER D 72 1.78 -2.84 -12.38
C SER D 72 1.31 -4.07 -13.16
N MET D 73 0.96 -3.86 -14.42
CA MET D 73 0.45 -5.00 -15.19
C MET D 73 1.14 -5.07 -16.52
N SER D 74 1.52 -6.24 -16.94
CA SER D 74 2.15 -6.28 -18.23
C SER D 74 1.01 -6.49 -19.19
N VAL D 75 1.11 -5.85 -20.35
CA VAL D 75 0.02 -5.86 -21.32
C VAL D 75 0.54 -6.08 -22.73
N LEU D 76 -0.07 -7.00 -23.47
CA LEU D 76 0.29 -7.25 -24.85
C LEU D 76 0.00 -6.04 -25.75
N ARG D 77 0.53 -6.00 -26.96
CA ARG D 77 0.28 -4.77 -27.75
C ARG D 77 -1.15 -4.59 -28.32
N GLY D 78 -1.91 -5.66 -28.48
CA GLY D 78 -3.25 -5.54 -29.00
C GLY D 78 -4.27 -5.08 -27.98
N LYS D 79 -3.85 -5.02 -26.71
CA LYS D 79 -4.71 -4.60 -25.62
C LYS D 79 -4.35 -3.26 -25.11
N LEU D 80 -3.16 -2.79 -25.43
CA LEU D 80 -2.67 -1.51 -24.97
C LEU D 80 -3.67 -0.40 -25.25
N GLN D 81 -4.39 -0.50 -26.35
CA GLN D 81 -5.38 0.52 -26.69
C GLN D 81 -6.64 0.34 -25.84
N LEU D 82 -6.98 -0.89 -25.54
CA LEU D 82 -8.12 -1.14 -24.65
C LEU D 82 -7.88 -0.47 -23.29
N VAL D 83 -6.65 -0.54 -22.77
CA VAL D 83 -6.31 0.10 -21.52
C VAL D 83 -6.59 1.60 -21.65
N GLY D 84 -5.94 2.23 -22.64
CA GLY D 84 -6.14 3.66 -22.90
C GLY D 84 -7.61 4.05 -22.96
N THR D 85 -8.43 3.26 -23.64
CA THR D 85 -9.84 3.61 -23.80
C THR D 85 -10.53 3.61 -22.48
N ALA D 86 -10.20 2.60 -21.68
CA ALA D 86 -10.71 2.50 -20.34
C ALA D 86 -10.26 3.68 -19.51
N ALA D 87 -8.99 4.08 -19.62
CA ALA D 87 -8.57 5.19 -18.78
C ALA D 87 -9.30 6.48 -19.08
N MET D 88 -9.62 6.66 -20.35
CA MET D 88 -10.19 7.91 -20.82
C MET D 88 -11.60 7.93 -20.26
N LEU D 89 -12.25 6.75 -20.26
CA LEU D 89 -13.62 6.61 -19.73
C LEU D 89 -13.64 6.99 -18.26
N LEU D 90 -12.70 6.43 -17.47
CA LEU D 90 -12.53 6.73 -16.06
C LEU D 90 -12.22 8.20 -15.81
N ALA D 91 -11.30 8.80 -16.58
CA ALA D 91 -11.01 10.21 -16.37
C ALA D 91 -12.25 11.10 -16.63
N SER D 92 -13.00 10.75 -17.67
CA SER D 92 -14.15 11.50 -18.13
C SER D 92 -15.25 11.44 -17.16
N LYS D 93 -15.47 10.22 -16.68
CA LYS D 93 -16.46 10.01 -15.66
C LYS D 93 -16.08 10.78 -14.39
N PHE D 94 -14.79 10.92 -14.10
CA PHE D 94 -14.39 11.64 -12.90
C PHE D 94 -14.47 13.15 -13.10
N GLU D 95 -13.86 13.63 -14.18
CA GLU D 95 -13.74 15.07 -14.39
C GLU D 95 -14.86 15.80 -15.10
N GLU D 96 -15.46 15.17 -16.12
CA GLU D 96 -16.41 15.85 -16.99
C GLU D 96 -17.81 15.93 -16.45
N ILE D 97 -18.48 17.02 -16.78
CA ILE D 97 -19.87 17.20 -16.42
C ILE D 97 -20.75 16.28 -17.28
N TYR D 98 -20.46 16.22 -18.57
CA TYR D 98 -21.22 15.33 -19.44
C TYR D 98 -20.30 14.34 -20.18
N PRO D 99 -19.82 13.29 -19.52
CA PRO D 99 -18.90 12.36 -20.19
C PRO D 99 -19.53 11.66 -21.37
N PRO D 100 -18.73 11.39 -22.36
CA PRO D 100 -19.21 10.58 -23.45
C PRO D 100 -19.79 9.28 -22.87
N GLU D 101 -20.79 8.71 -23.54
CA GLU D 101 -21.38 7.45 -23.19
C GLU D 101 -20.33 6.39 -23.53
N VAL D 102 -20.37 5.28 -22.82
CA VAL D 102 -19.43 4.21 -23.13
C VAL D 102 -19.47 3.90 -24.65
N ALA D 103 -20.65 4.02 -25.25
CA ALA D 103 -20.82 3.64 -26.64
C ALA D 103 -19.95 4.45 -27.57
N GLU D 104 -19.75 5.71 -27.25
CA GLU D 104 -18.91 6.53 -28.08
C GLU D 104 -17.48 6.09 -27.87
N PHE D 105 -17.11 5.74 -26.66
CA PHE D 105 -15.76 5.23 -26.47
C PHE D 105 -15.62 3.95 -27.24
N VAL D 106 -16.64 3.08 -27.30
CA VAL D 106 -16.45 1.85 -28.08
C VAL D 106 -16.34 2.13 -29.57
N TYR D 107 -16.93 3.24 -29.96
CA TYR D 107 -16.94 3.59 -31.33
C TYR D 107 -15.60 4.13 -31.82
N ILE D 108 -14.89 4.98 -31.09
CA ILE D 108 -13.60 5.46 -31.60
C ILE D 108 -12.46 4.45 -31.63
N THR D 109 -12.59 3.35 -30.88
CA THR D 109 -11.55 2.33 -30.93
C THR D 109 -11.88 1.51 -32.15
N ASP D 110 -12.80 2.07 -32.95
CA ASP D 110 -13.37 1.52 -34.17
C ASP D 110 -13.77 0.04 -34.13
N ASP D 111 -14.61 -0.30 -33.16
CA ASP D 111 -15.17 -1.66 -33.08
C ASP D 111 -14.06 -2.75 -33.11
N THR D 112 -12.86 -2.29 -32.84
CA THR D 112 -11.72 -3.15 -32.64
C THR D 112 -12.07 -4.08 -31.42
N TYR D 113 -12.62 -3.47 -30.37
CA TYR D 113 -13.00 -4.18 -29.15
C TYR D 113 -14.49 -4.13 -28.89
N THR D 114 -15.00 -5.06 -28.11
CA THR D 114 -16.42 -5.01 -27.78
C THR D 114 -16.69 -4.08 -26.59
N LYS D 115 -17.93 -3.65 -26.44
CA LYS D 115 -18.29 -2.81 -25.32
C LYS D 115 -17.99 -3.53 -24.00
N LYS D 116 -18.29 -4.84 -23.97
CA LYS D 116 -18.06 -5.64 -22.79
C LYS D 116 -16.56 -5.61 -22.41
N GLN D 117 -15.68 -5.64 -23.39
CA GLN D 117 -14.25 -5.55 -23.10
C GLN D 117 -13.89 -4.22 -22.47
N VAL D 118 -14.45 -3.16 -23.00
CA VAL D 118 -14.17 -1.86 -22.45
C VAL D 118 -14.65 -1.84 -21.01
N LEU D 119 -15.92 -2.16 -20.81
CA LEU D 119 -16.50 -2.22 -19.48
C LEU D 119 -15.71 -3.01 -18.45
N ARG D 120 -15.19 -4.17 -18.86
CA ARG D 120 -14.40 -4.99 -18.00
C ARG D 120 -12.97 -4.44 -17.75
N MET D 121 -12.36 -3.74 -18.71
CA MET D 121 -11.01 -3.16 -18.51
C MET D 121 -11.23 -2.03 -17.52
N GLU D 122 -12.39 -1.37 -17.64
CA GLU D 122 -12.69 -0.25 -16.77
C GLU D 122 -12.66 -0.69 -15.32
N HIS D 123 -13.24 -1.84 -15.05
CA HIS D 123 -13.31 -2.31 -13.67
C HIS D 123 -11.91 -2.80 -13.21
N LEU D 124 -11.17 -3.42 -14.13
CA LEU D 124 -9.84 -3.90 -13.85
C LEU D 124 -8.97 -2.70 -13.56
N VAL D 125 -9.14 -1.60 -14.26
CA VAL D 125 -8.29 -0.42 -14.02
C VAL D 125 -8.54 0.16 -12.68
N LEU D 126 -9.80 0.18 -12.30
CA LEU D 126 -10.18 0.70 -11.00
C LEU D 126 -9.53 -0.14 -9.91
N LYS D 127 -9.54 -1.46 -10.07
CA LYS D 127 -8.98 -2.35 -9.08
C LYS D 127 -7.46 -2.18 -8.94
N VAL D 128 -6.82 -1.99 -10.06
CA VAL D 128 -5.38 -1.84 -10.07
C VAL D 128 -4.95 -0.55 -9.41
N LEU D 129 -5.76 0.50 -9.55
CA LEU D 129 -5.42 1.77 -8.94
C LEU D 129 -6.08 1.92 -7.59
N THR D 130 -6.71 0.83 -7.15
CA THR D 130 -7.51 0.79 -5.92
C THR D 130 -8.36 2.02 -5.84
N PHE D 131 -8.91 2.44 -6.96
CA PHE D 131 -9.79 3.60 -6.95
C PHE D 131 -9.10 4.89 -6.64
N ASP D 132 -7.77 4.90 -6.65
CA ASP D 132 -7.08 6.18 -6.40
C ASP D 132 -7.13 7.04 -7.64
N LEU D 133 -8.19 7.83 -7.82
CA LEU D 133 -8.30 8.58 -9.04
C LEU D 133 -8.04 10.06 -9.01
N ALA D 134 -7.98 10.67 -7.83
CA ALA D 134 -7.84 12.11 -7.81
C ALA D 134 -6.36 12.55 -7.92
N ALA D 135 -5.72 12.21 -9.03
CA ALA D 135 -4.30 12.54 -9.20
C ALA D 135 -4.05 13.98 -9.52
N PRO D 136 -2.97 14.48 -8.99
CA PRO D 136 -2.51 15.81 -9.38
C PRO D 136 -1.97 15.69 -10.78
N THR D 137 -2.21 16.71 -11.60
CA THR D 137 -1.73 16.69 -12.96
C THR D 137 -0.91 17.93 -13.22
N VAL D 138 -0.20 17.90 -14.33
CA VAL D 138 0.57 19.05 -14.74
C VAL D 138 -0.36 20.23 -14.89
N ASN D 139 -1.53 19.98 -15.49
CA ASN D 139 -2.53 21.04 -15.76
C ASN D 139 -3.05 21.65 -14.47
N GLN D 140 -3.00 20.89 -13.37
CA GLN D 140 -3.50 21.42 -12.10
C GLN D 140 -2.56 22.47 -11.61
N PHE D 141 -1.27 22.13 -11.60
CA PHE D 141 -0.24 23.07 -11.12
C PHE D 141 -0.17 24.35 -11.97
N LEU D 142 -0.23 24.21 -13.30
CA LEU D 142 -0.24 25.37 -14.15
C LEU D 142 -1.39 26.23 -13.69
N THR D 143 -2.57 25.63 -13.64
CA THR D 143 -3.75 26.41 -13.27
C THR D 143 -3.47 27.38 -12.13
N GLN D 144 -2.78 26.88 -11.12
CA GLN D 144 -2.47 27.64 -9.93
C GLN D 144 -1.41 28.65 -10.25
N TYR D 145 -0.43 28.27 -11.05
CA TYR D 145 0.64 29.20 -11.37
C TYR D 145 0.12 30.47 -12.04
N PHE D 146 -0.90 30.34 -12.88
CA PHE D 146 -1.46 31.48 -13.60
C PHE D 146 -1.94 32.59 -12.68
N LEU D 147 -2.50 32.21 -11.54
CA LEU D 147 -2.96 33.20 -10.57
C LEU D 147 -1.94 34.32 -10.39
N HIS D 148 -0.67 33.95 -10.34
CA HIS D 148 0.39 34.93 -10.10
C HIS D 148 0.77 35.82 -11.28
N GLN D 149 0.05 35.70 -12.39
CA GLN D 149 0.27 36.60 -13.52
C GLN D 149 -0.45 37.90 -13.21
N GLN D 150 0.28 38.97 -13.02
CA GLN D 150 -0.36 40.26 -12.76
C GLN D 150 -0.97 40.84 -14.05
N PRO D 151 -0.50 40.39 -15.21
CA PRO D 151 -1.11 40.81 -16.47
C PRO D 151 -1.97 39.71 -17.09
N ALA D 152 -2.41 38.72 -16.31
CA ALA D 152 -3.23 37.61 -16.82
C ALA D 152 -3.02 37.31 -18.32
N ASN D 153 -1.95 36.60 -18.66
CA ASN D 153 -1.64 36.38 -20.07
C ASN D 153 -2.10 35.09 -20.74
N CYS D 154 -3.22 35.19 -21.45
CA CYS D 154 -3.79 34.07 -22.18
C CYS D 154 -2.80 33.54 -23.20
N LYS D 155 -1.82 34.37 -23.54
CA LYS D 155 -0.81 33.91 -24.45
C LYS D 155 0.15 33.00 -23.71
N VAL D 156 0.62 33.43 -22.54
CA VAL D 156 1.51 32.57 -21.77
C VAL D 156 0.73 31.34 -21.28
N GLU D 157 -0.58 31.52 -21.10
CA GLU D 157 -1.41 30.44 -20.62
C GLU D 157 -1.48 29.29 -21.63
N SER D 158 -2.08 29.58 -22.77
CA SER D 158 -2.19 28.60 -23.85
C SER D 158 -0.88 27.90 -24.11
N LEU D 159 0.22 28.60 -23.82
CA LEU D 159 1.55 28.08 -24.17
C LEU D 159 2.16 27.06 -23.23
N ALA D 160 2.12 27.33 -21.93
CA ALA D 160 2.59 26.36 -20.99
C ALA D 160 1.70 25.14 -21.19
N MET D 161 0.47 25.41 -21.59
CA MET D 161 -0.53 24.38 -21.81
C MET D 161 -0.10 23.27 -22.75
N PHE D 162 0.32 23.58 -23.97
CA PHE D 162 0.65 22.51 -24.89
C PHE D 162 2.07 22.09 -24.61
N LEU D 163 2.87 23.00 -24.06
CA LEU D 163 4.19 22.61 -23.67
C LEU D 163 3.89 21.50 -22.67
N GLY D 164 2.97 21.74 -21.73
CA GLY D 164 2.60 20.75 -20.74
C GLY D 164 2.09 19.50 -21.44
N GLU D 165 1.11 19.70 -22.31
CA GLU D 165 0.52 18.61 -23.05
C GLU D 165 1.60 17.88 -23.85
N LEU D 166 2.68 18.57 -24.15
CA LEU D 166 3.72 17.93 -24.93
C LEU D 166 4.50 16.85 -24.17
N SER D 167 4.59 16.93 -22.85
CA SER D 167 5.29 15.87 -22.11
C SER D 167 4.48 14.59 -21.94
N LEU D 168 3.14 14.66 -22.06
CA LEU D 168 2.39 13.41 -21.91
C LEU D 168 2.97 12.36 -22.87
N ILE D 169 3.49 12.83 -24.01
CA ILE D 169 3.89 11.94 -25.10
C ILE D 169 5.15 11.15 -24.91
N ASP D 170 6.13 11.69 -24.21
CA ASP D 170 7.38 10.97 -24.16
C ASP D 170 7.81 10.49 -22.82
N ALA D 171 7.42 9.24 -22.52
CA ALA D 171 7.80 8.57 -21.28
C ALA D 171 9.22 9.01 -20.92
N ASP D 172 10.08 8.96 -21.93
CA ASP D 172 11.45 9.43 -21.81
C ASP D 172 11.46 10.81 -22.44
N PRO D 173 11.82 11.83 -21.69
CA PRO D 173 12.26 11.73 -20.30
C PRO D 173 11.21 12.03 -19.22
N TYR D 174 10.10 12.62 -19.61
CA TYR D 174 9.18 13.18 -18.62
C TYR D 174 8.60 12.35 -17.49
N LEU D 175 8.61 11.04 -17.61
CA LEU D 175 8.12 10.21 -16.52
C LEU D 175 8.92 10.48 -15.24
N LYS D 176 10.11 11.06 -15.38
CA LYS D 176 10.94 11.23 -14.19
C LYS D 176 10.69 12.54 -13.48
N TYR D 177 10.15 13.52 -14.19
CA TYR D 177 9.82 14.76 -13.53
C TYR D 177 8.45 14.61 -12.89
N LEU D 178 8.26 15.26 -11.76
CA LEU D 178 6.97 15.31 -11.13
C LEU D 178 6.10 16.32 -11.85
N PRO D 179 4.80 16.20 -11.73
CA PRO D 179 3.91 17.14 -12.39
C PRO D 179 4.19 18.60 -12.04
N SER D 180 4.53 18.90 -10.79
CA SER D 180 4.62 20.28 -10.37
C SER D 180 5.82 20.97 -10.97
N VAL D 181 6.88 20.21 -11.09
CA VAL D 181 8.11 20.64 -11.71
C VAL D 181 7.77 20.91 -13.16
N ILE D 182 7.45 19.84 -13.91
CA ILE D 182 7.09 20.00 -15.30
C ILE D 182 6.36 21.30 -15.52
N ALA D 183 5.36 21.56 -14.72
CA ALA D 183 4.58 22.78 -14.85
C ALA D 183 5.43 24.01 -14.54
N GLY D 184 6.32 23.87 -13.56
CA GLY D 184 7.24 24.92 -13.19
C GLY D 184 7.95 25.32 -14.46
N ALA D 185 8.52 24.34 -15.16
CA ALA D 185 9.06 24.63 -16.46
C ALA D 185 7.85 25.17 -17.17
N ALA D 186 7.35 24.47 -18.17
CA ALA D 186 6.13 24.92 -18.87
C ALA D 186 5.78 26.38 -18.69
N PHE D 187 5.59 26.79 -17.43
CA PHE D 187 5.19 28.16 -17.09
C PHE D 187 6.28 29.15 -17.48
N HIS D 188 7.50 28.85 -17.07
CA HIS D 188 8.60 29.71 -17.43
C HIS D 188 8.72 29.73 -18.94
N LEU D 189 9.25 28.65 -19.48
CA LEU D 189 9.44 28.55 -20.90
C LEU D 189 8.38 29.33 -21.63
N ALA D 190 7.17 29.33 -21.12
CA ALA D 190 6.06 29.98 -21.80
C ALA D 190 6.06 31.47 -21.59
N LEU D 191 6.14 31.87 -20.32
CA LEU D 191 6.14 33.29 -19.98
C LEU D 191 7.36 33.90 -20.62
N TYR D 192 8.51 33.27 -20.43
CA TYR D 192 9.73 33.77 -21.01
C TYR D 192 9.55 34.02 -22.50
N THR D 193 9.29 32.95 -23.23
CA THR D 193 9.11 33.00 -24.67
C THR D 193 8.26 34.15 -25.19
N VAL D 194 7.11 34.36 -24.58
CA VAL D 194 6.17 35.35 -25.09
C VAL D 194 6.38 36.78 -24.62
N THR D 195 6.57 36.97 -23.31
CA THR D 195 6.75 38.32 -22.77
C THR D 195 8.21 38.65 -22.57
N GLY D 196 8.97 37.65 -22.11
CA GLY D 196 10.40 37.83 -21.86
C GLY D 196 10.76 37.60 -20.41
N GLN D 197 9.81 37.79 -19.50
CA GLN D 197 10.06 37.64 -18.07
C GLN D 197 10.16 36.18 -17.64
N SER D 198 10.27 35.93 -16.34
CA SER D 198 10.49 34.56 -15.87
C SER D 198 10.01 34.21 -14.46
N TRP D 199 9.90 32.91 -14.21
CA TRP D 199 9.53 32.31 -12.92
C TRP D 199 9.60 33.31 -11.78
N PRO D 200 8.49 34.02 -11.56
CA PRO D 200 8.41 35.09 -10.55
C PRO D 200 8.77 34.68 -9.12
N GLU D 201 9.56 35.54 -8.50
CA GLU D 201 9.95 35.33 -7.12
C GLU D 201 8.76 34.73 -6.36
N SER D 202 7.56 35.25 -6.63
CA SER D 202 6.35 34.79 -5.95
C SER D 202 6.02 33.31 -6.14
N LEU D 203 6.53 32.70 -7.19
CA LEU D 203 6.31 31.27 -7.34
C LEU D 203 7.37 30.53 -6.55
N ILE D 204 8.55 31.12 -6.52
CA ILE D 204 9.67 30.57 -5.77
C ILE D 204 9.25 30.38 -4.32
N ARG D 205 8.61 31.40 -3.75
CA ARG D 205 8.18 31.29 -2.36
C ARG D 205 7.12 30.20 -2.22
N LYS D 206 6.22 30.09 -3.19
CA LYS D 206 5.13 29.09 -3.15
C LYS D 206 5.63 27.66 -3.30
N THR D 207 6.45 27.44 -4.32
CA THR D 207 6.89 26.10 -4.68
C THR D 207 8.24 25.61 -4.19
N GLY D 208 9.03 26.51 -3.62
CA GLY D 208 10.38 26.14 -3.21
C GLY D 208 11.20 25.82 -4.45
N TYR D 209 10.64 26.17 -5.61
CA TYR D 209 11.33 25.91 -6.88
C TYR D 209 12.03 27.15 -7.40
N THR D 210 13.35 27.11 -7.40
CA THR D 210 14.11 28.20 -7.97
C THR D 210 14.16 27.86 -9.44
N LEU D 211 14.91 28.66 -10.19
CA LEU D 211 15.04 28.47 -11.61
C LEU D 211 16.15 27.45 -11.84
N GLU D 212 16.97 27.29 -10.83
CA GLU D 212 18.08 26.37 -10.89
C GLU D 212 17.47 24.99 -10.78
N SER D 213 16.47 24.88 -9.90
CA SER D 213 15.80 23.60 -9.61
C SER D 213 15.05 23.06 -10.82
N LEU D 214 14.54 23.97 -11.63
CA LEU D 214 13.82 23.60 -12.83
C LEU D 214 14.72 23.34 -14.01
N LYS D 215 15.92 23.88 -13.99
CA LYS D 215 16.76 23.81 -15.20
C LYS D 215 16.79 22.47 -15.90
N PRO D 216 17.10 21.40 -15.17
CA PRO D 216 17.22 20.07 -15.79
C PRO D 216 15.99 19.73 -16.61
N CYS D 217 14.81 19.80 -15.99
CA CYS D 217 13.58 19.51 -16.70
C CYS D 217 13.39 20.61 -17.71
N LEU D 218 13.67 21.83 -17.27
CA LEU D 218 13.54 22.99 -18.12
C LEU D 218 14.38 22.77 -19.34
N MET D 219 15.54 22.16 -19.16
CA MET D 219 16.39 21.87 -20.30
C MET D 219 15.55 21.02 -21.22
N ASP D 220 15.49 19.74 -20.89
CA ASP D 220 14.66 18.77 -21.62
C ASP D 220 13.48 19.36 -22.40
N LEU D 221 12.60 20.07 -21.73
CA LEU D 221 11.40 20.59 -22.33
C LEU D 221 11.74 21.51 -23.46
N HIS D 222 12.85 22.23 -23.29
CA HIS D 222 13.32 23.18 -24.31
C HIS D 222 13.63 22.45 -25.61
N GLN D 223 14.34 21.34 -25.51
CA GLN D 223 14.65 20.53 -26.68
C GLN D 223 13.36 20.12 -27.30
N THR D 224 12.52 19.46 -26.51
CA THR D 224 11.24 18.99 -27.01
C THR D 224 10.52 20.15 -27.66
N TYR D 225 10.68 21.32 -27.07
CA TYR D 225 10.03 22.49 -27.62
C TYR D 225 10.51 22.75 -29.04
N LEU D 226 11.84 22.68 -29.22
CA LEU D 226 12.49 22.97 -30.50
C LEU D 226 12.23 21.99 -31.61
N LYS D 227 12.14 20.71 -31.26
CA LYS D 227 11.93 19.69 -32.27
C LYS D 227 10.47 19.27 -32.35
N ALA D 228 9.57 20.17 -31.94
CA ALA D 228 8.17 19.82 -32.01
C ALA D 228 7.74 19.40 -33.42
N PRO D 229 7.59 20.34 -34.33
CA PRO D 229 7.16 20.02 -35.69
C PRO D 229 7.90 18.82 -36.26
N GLN D 230 8.96 18.39 -35.59
CA GLN D 230 9.73 17.23 -36.04
C GLN D 230 9.27 15.92 -35.37
N HIS D 231 8.37 16.00 -34.36
CA HIS D 231 7.95 14.78 -33.66
C HIS D 231 7.07 13.88 -34.53
N ALA D 232 7.25 12.57 -34.38
CA ALA D 232 6.37 11.57 -35.00
C ALA D 232 4.90 11.84 -34.67
N GLN D 233 4.63 12.48 -33.54
CA GLN D 233 3.26 12.74 -33.14
C GLN D 233 3.00 14.20 -33.17
N GLN D 234 1.95 14.58 -33.89
CA GLN D 234 1.69 15.99 -34.10
C GLN D 234 0.36 16.50 -33.58
N SER D 235 -0.52 15.61 -33.10
CA SER D 235 -1.88 16.00 -32.76
C SER D 235 -1.91 17.14 -31.77
N ILE D 236 -0.96 17.22 -30.88
CA ILE D 236 -0.97 18.33 -29.96
C ILE D 236 -0.69 19.61 -30.71
N ARG D 237 0.29 19.57 -31.60
CA ARG D 237 0.58 20.76 -32.38
C ARG D 237 -0.69 21.29 -33.06
N GLU D 238 -1.34 20.43 -33.81
CA GLU D 238 -2.53 20.84 -34.53
C GLU D 238 -3.65 21.37 -33.65
N LYS D 239 -3.66 20.91 -32.41
CA LYS D 239 -4.72 21.28 -31.48
C LYS D 239 -4.56 22.73 -31.07
N TYR D 240 -3.35 23.11 -30.73
CA TYR D 240 -3.08 24.49 -30.33
C TYR D 240 -2.84 25.45 -31.52
N LYS D 241 -3.79 25.45 -32.44
CA LYS D 241 -3.78 26.34 -33.60
C LYS D 241 -5.13 27.04 -33.68
N ASN D 242 -6.15 26.45 -33.08
CA ASN D 242 -7.44 27.11 -33.05
C ASN D 242 -7.32 28.45 -32.33
N SER D 243 -8.33 29.30 -32.52
CA SER D 243 -8.36 30.58 -31.85
C SER D 243 -8.52 30.42 -30.35
N LYS D 244 -8.98 29.26 -29.90
CA LYS D 244 -9.23 29.03 -28.48
C LYS D 244 -7.95 28.76 -27.69
N TYR D 245 -6.87 28.41 -28.38
CA TYR D 245 -5.57 28.25 -27.72
C TYR D 245 -4.61 29.29 -28.26
N HIS D 246 -5.20 30.33 -28.84
CA HIS D 246 -4.47 31.47 -29.35
C HIS D 246 -3.30 31.12 -30.27
N GLY D 247 -3.47 30.07 -31.07
CA GLY D 247 -2.45 29.66 -32.01
C GLY D 247 -1.04 29.49 -31.47
N VAL D 248 -0.88 29.59 -30.16
CA VAL D 248 0.46 29.48 -29.57
C VAL D 248 1.34 28.41 -30.19
N SER D 249 0.77 27.41 -30.84
CA SER D 249 1.60 26.35 -31.40
C SER D 249 2.40 26.85 -32.58
N LEU D 250 1.82 27.79 -33.31
CA LEU D 250 2.48 28.36 -34.48
C LEU D 250 3.71 29.17 -34.07
N LEU D 251 3.72 29.68 -32.84
CA LEU D 251 4.81 30.51 -32.34
C LEU D 251 6.15 29.80 -32.28
N ASN D 252 7.14 30.43 -32.90
CA ASN D 252 8.49 29.88 -32.98
C ASN D 252 9.23 29.93 -31.65
N PRO D 253 9.93 28.86 -31.33
CA PRO D 253 10.60 28.74 -30.05
C PRO D 253 11.71 29.78 -29.94
N PRO D 254 12.08 30.16 -28.73
CA PRO D 254 13.27 30.97 -28.51
C PRO D 254 14.44 30.01 -28.64
N GLU D 255 15.60 30.50 -29.05
CA GLU D 255 16.74 29.63 -29.28
C GLU D 255 17.57 29.35 -28.02
N THR D 256 17.50 30.24 -27.04
CA THR D 256 18.19 30.04 -25.77
C THR D 256 17.38 30.62 -24.63
N LEU D 257 17.72 30.20 -23.41
CA LEU D 257 16.97 30.60 -22.23
C LEU D 257 17.73 31.55 -21.30
N ASN D 258 19.06 31.52 -21.37
CA ASN D 258 19.89 32.34 -20.50
C ASN D 258 19.77 31.85 -19.07
N LEU D 259 20.37 30.69 -18.81
CA LEU D 259 20.35 30.07 -17.49
C LEU D 259 21.75 29.90 -16.94
N PRO E 1 -4.49 -20.52 34.58
CA PRO E 1 -4.19 -21.55 33.55
C PRO E 1 -4.33 -20.98 32.16
N VAL E 2 -3.53 -21.53 31.24
CA VAL E 2 -3.59 -21.11 29.85
C VAL E 2 -5.00 -21.43 29.35
N LYS E 3 -5.36 -22.71 29.36
CA LYS E 3 -6.71 -23.10 28.98
C LYS E 3 -7.69 -22.14 29.68
N ARG E 4 -8.10 -21.08 28.98
CA ARG E 4 -9.05 -20.13 29.56
C ARG E 4 -9.50 -19.12 28.56
N ARG E 5 -10.76 -18.76 28.60
CA ARG E 5 -11.19 -17.68 27.76
C ARG E 5 -10.86 -16.41 28.55
N LEU E 6 -10.21 -15.45 27.89
CA LEU E 6 -9.81 -14.23 28.57
C LEU E 6 -11.01 -13.37 28.90
N ASP E 7 -11.08 -12.85 30.12
CA ASP E 7 -12.19 -12.01 30.58
C ASP E 7 -11.78 -10.56 30.54
N LEU E 8 -12.58 -9.73 29.87
CA LEU E 8 -12.20 -8.33 29.74
C LEU E 8 -13.23 -7.28 30.18
N GLU E 9 -14.53 -7.55 29.98
CA GLU E 9 -15.61 -6.57 30.27
C GLU E 9 -15.14 -5.30 31.00
#